data_3F3Y
#
_entry.id   3F3Y
#
_cell.length_a   79.393
_cell.length_b   96.179
_cell.length_c   159.298
_cell.angle_alpha   90.00
_cell.angle_beta   90.00
_cell.angle_gamma   90.00
#
_symmetry.space_group_name_H-M   'P 21 21 21'
#
loop_
_entity.id
_entity.type
_entity.pdbx_description
1 polymer 'Bile salt sulfotransferase'
2 non-polymer '(3beta,5beta,14beta,17alpha)-3-hydroxycholan-24-oic acid'
3 non-polymer "ADENOSINE-3'-5'-DIPHOSPHATE"
4 water water
#
_entity_poly.entity_id   1
_entity_poly.type   'polypeptide(L)'
_entity_poly.pdbx_seq_one_letter_code
;MSDDFLWFEGIAFPTMGFRSETLRKVRDEFVIRDEDVIILTYPKSGTNWLAEILCLMHSKGDAKWIQSVPIWERSPWVES
EIGYTALSETESPRLFSSHLPIQLFPKSFFSSKAKVIYLMRNPRDVLVSGYFFWKNMKFIKKPKSWEEYFEWFCQGTVLY
GSWFDHIHGWMPMREEKNFLLLSYEELKQDTGRTIEKICQFLGKTLEPEELNLILKNSSFQSMKENKMSNYSLLSVDYVV
DKAQLLRKGVSGDWKNHFTVAQAEDFDKLFQEKMADLPRELFPWE
;
_entity_poly.pdbx_strand_id   A,B,C,D
#
# COMPACT_ATOMS: atom_id res chain seq x y z
N ASP A 4 8.96 -30.42 7.99
CA ASP A 4 8.10 -30.18 9.19
C ASP A 4 6.78 -29.43 8.91
N PHE A 5 6.02 -29.19 9.97
CA PHE A 5 4.81 -28.41 9.91
C PHE A 5 4.84 -27.36 10.99
N LEU A 6 3.97 -26.37 10.87
CA LEU A 6 3.61 -25.53 11.99
C LEU A 6 2.47 -26.21 12.77
N TRP A 7 2.71 -26.48 14.04
CA TRP A 7 1.76 -27.14 14.88
C TRP A 7 1.08 -26.11 15.76
N PHE A 8 -0.25 -26.14 15.73
CA PHE A 8 -1.08 -25.24 16.50
C PHE A 8 -2.29 -26.04 16.84
N GLU A 9 -2.60 -26.09 18.14
CA GLU A 9 -3.73 -26.86 18.71
C GLU A 9 -3.87 -28.28 18.19
N GLY A 10 -2.76 -28.98 18.02
CA GLY A 10 -2.80 -30.38 17.67
C GLY A 10 -3.03 -30.64 16.18
N ILE A 11 -3.16 -29.57 15.39
CA ILE A 11 -3.37 -29.66 13.93
C ILE A 11 -2.12 -29.14 13.24
N ALA A 12 -1.66 -29.82 12.19
CA ALA A 12 -0.56 -29.38 11.34
C ALA A 12 -0.96 -28.36 10.26
N PHE A 13 -0.12 -27.33 10.08
CA PHE A 13 -0.36 -26.24 9.15
C PHE A 13 0.87 -26.08 8.34
N PRO A 14 0.73 -25.56 7.10
CA PRO A 14 1.95 -25.32 6.29
C PRO A 14 2.95 -24.42 6.98
N THR A 15 4.23 -24.61 6.64
CA THR A 15 5.33 -23.81 7.23
C THR A 15 5.47 -22.42 6.60
N MET A 16 4.71 -22.16 5.55
CA MET A 16 4.68 -20.85 4.87
C MET A 16 3.28 -20.29 4.90
N GLY A 17 3.18 -19.00 5.26
CA GLY A 17 1.93 -18.27 5.16
C GLY A 17 1.07 -18.37 6.38
N PHE A 18 1.55 -19.09 7.40
CA PHE A 18 0.78 -19.29 8.63
C PHE A 18 1.63 -18.96 9.85
N ARG A 19 1.00 -18.34 10.86
CA ARG A 19 1.62 -18.03 12.18
C ARG A 19 0.67 -18.36 13.30
N SER A 20 1.20 -18.87 14.41
CA SER A 20 0.39 -19.26 15.56
C SER A 20 -0.39 -18.11 16.12
N GLU A 21 0.25 -16.94 16.18
CA GLU A 21 -0.38 -15.75 16.70
C GLU A 21 -1.61 -15.37 15.86
N THR A 22 -1.50 -15.46 14.53
CA THR A 22 -2.64 -15.19 13.66
C THR A 22 -3.76 -16.21 13.82
N LEU A 23 -3.41 -17.48 13.96
CA LEU A 23 -4.40 -18.57 14.04
C LEU A 23 -5.20 -18.50 15.31
N ARG A 24 -4.56 -18.00 16.37
CA ARG A 24 -5.22 -17.68 17.63
C ARG A 24 -6.25 -16.52 17.48
N LYS A 25 -5.85 -15.44 16.80
CA LYS A 25 -6.77 -14.32 16.50
C LYS A 25 -7.92 -14.73 15.56
N VAL A 26 -7.59 -15.47 14.49
CA VAL A 26 -8.61 -16.10 13.67
C VAL A 26 -9.74 -16.72 14.50
N ARG A 27 -9.41 -17.53 15.51
CA ARG A 27 -10.43 -18.24 16.34
C ARG A 27 -11.13 -17.29 17.31
N ASP A 28 -10.36 -16.39 17.88
CA ASP A 28 -10.79 -15.61 19.02
C ASP A 28 -11.25 -14.19 18.71
N GLU A 29 -10.66 -13.57 17.71
CA GLU A 29 -10.94 -12.19 17.43
C GLU A 29 -11.62 -11.94 16.08
N PHE A 30 -11.50 -12.87 15.13
CA PHE A 30 -11.92 -12.53 13.76
C PHE A 30 -13.45 -12.40 13.70
N VAL A 31 -13.90 -11.34 13.04
CA VAL A 31 -15.33 -10.97 13.03
C VAL A 31 -15.99 -11.51 11.77
N ILE A 32 -17.00 -12.33 11.96
CA ILE A 32 -17.78 -12.91 10.91
C ILE A 32 -19.01 -12.04 10.73
N ARG A 33 -19.31 -11.64 9.50
CA ARG A 33 -20.46 -10.81 9.21
C ARG A 33 -21.55 -11.73 8.75
N ASP A 34 -22.80 -11.35 8.98
CA ASP A 34 -23.96 -12.16 8.56
C ASP A 34 -24.05 -12.35 7.04
N GLU A 35 -23.34 -11.50 6.29
CA GLU A 35 -23.35 -11.48 4.83
C GLU A 35 -22.26 -12.38 4.16
N ASP A 36 -21.25 -12.77 4.93
CA ASP A 36 -20.21 -13.71 4.50
C ASP A 36 -20.76 -15.01 3.94
N VAL A 37 -20.12 -15.49 2.87
CA VAL A 37 -20.30 -16.84 2.36
C VAL A 37 -18.96 -17.54 2.49
N ILE A 38 -18.97 -18.64 3.23
CA ILE A 38 -17.71 -19.31 3.60
C ILE A 38 -17.67 -20.75 3.05
N ILE A 39 -16.58 -21.06 2.34
CA ILE A 39 -16.35 -22.45 1.91
C ILE A 39 -15.50 -23.21 2.92
N LEU A 40 -16.06 -24.30 3.39
CA LEU A 40 -15.43 -25.19 4.37
C LEU A 40 -15.04 -26.51 3.77
N THR A 41 -13.73 -26.77 3.61
CA THR A 41 -13.25 -28.03 3.07
C THR A 41 -12.19 -28.67 3.91
N TYR A 42 -12.18 -30.00 3.92
CA TYR A 42 -10.92 -30.73 4.15
C TYR A 42 -10.06 -30.63 2.85
N PRO A 43 -8.81 -30.33 2.98
CA PRO A 43 -7.99 -30.01 1.80
C PRO A 43 -8.04 -31.06 0.71
N LYS A 44 -8.20 -30.63 -0.55
CA LYS A 44 -8.23 -31.50 -1.71
C LYS A 44 -9.67 -32.14 -1.88
N SER A 45 -10.68 -31.48 -1.37
CA SER A 45 -12.17 -32.00 -1.58
C SER A 45 -12.98 -31.27 -2.67
N GLY A 46 -12.32 -30.38 -3.42
CA GLY A 46 -12.97 -29.53 -4.44
C GLY A 46 -13.07 -28.05 -4.08
N THR A 47 -12.28 -27.57 -3.13
CA THR A 47 -12.41 -26.21 -2.64
C THR A 47 -12.45 -25.17 -3.75
N ASN A 48 -11.44 -25.24 -4.66
CA ASN A 48 -11.34 -24.33 -5.78
C ASN A 48 -12.41 -24.48 -6.80
N TRP A 49 -12.70 -25.68 -7.20
CA TRP A 49 -13.99 -25.85 -7.97
C TRP A 49 -15.13 -25.03 -7.42
N LEU A 50 -15.43 -25.19 -6.16
CA LEU A 50 -16.66 -24.59 -5.59
C LEU A 50 -16.46 -23.05 -5.50
N ALA A 51 -15.24 -22.58 -5.22
CA ALA A 51 -14.98 -21.15 -5.23
C ALA A 51 -15.30 -20.57 -6.60
N GLU A 52 -14.98 -21.30 -7.66
CA GLU A 52 -15.11 -20.75 -9.00
C GLU A 52 -16.63 -20.74 -9.36
N ILE A 53 -17.32 -21.81 -9.01
CA ILE A 53 -18.78 -21.83 -9.16
C ILE A 53 -19.38 -20.63 -8.42
N LEU A 54 -18.88 -20.36 -7.22
CA LEU A 54 -19.46 -19.30 -6.40
C LEU A 54 -19.22 -17.95 -6.98
N CYS A 55 -17.98 -17.65 -7.34
CA CYS A 55 -17.63 -16.44 -8.06
C CYS A 55 -18.43 -16.17 -9.37
N LEU A 56 -18.85 -17.26 -10.01
CA LEU A 56 -19.59 -17.23 -11.26
C LEU A 56 -21.12 -17.13 -11.01
N MET A 57 -21.60 -17.67 -9.91
CA MET A 57 -23.01 -17.40 -9.53
C MET A 57 -23.22 -15.91 -9.27
N HIS A 58 -22.24 -15.34 -8.60
CA HIS A 58 -22.23 -13.97 -8.23
C HIS A 58 -22.21 -13.03 -9.42
N SER A 59 -21.54 -13.43 -10.49
CA SER A 59 -21.56 -12.65 -11.70
C SER A 59 -22.49 -13.19 -12.79
N LYS A 60 -23.40 -14.07 -12.39
CA LYS A 60 -24.44 -14.57 -13.31
C LYS A 60 -23.81 -15.19 -14.60
N GLY A 61 -22.59 -15.73 -14.44
CA GLY A 61 -21.95 -16.54 -15.47
C GLY A 61 -20.83 -15.84 -16.19
N ASP A 62 -20.66 -14.56 -15.86
CA ASP A 62 -19.74 -13.72 -16.57
C ASP A 62 -18.36 -13.92 -15.96
N ALA A 63 -17.39 -14.24 -16.84
CA ALA A 63 -16.04 -14.70 -16.47
C ALA A 63 -15.04 -13.58 -16.33
N LYS A 64 -15.47 -12.34 -16.54
CA LYS A 64 -14.59 -11.19 -16.39
C LYS A 64 -13.68 -11.26 -15.16
N TRP A 65 -14.27 -11.54 -13.99
CA TRP A 65 -13.51 -11.36 -12.75
C TRP A 65 -12.69 -12.56 -12.38
N ILE A 66 -13.19 -13.75 -12.72
CA ILE A 66 -12.39 -15.01 -12.52
C ILE A 66 -11.17 -15.12 -13.44
N GLN A 67 -11.17 -14.36 -14.52
CA GLN A 67 -10.04 -14.36 -15.42
C GLN A 67 -9.08 -13.24 -15.20
N SER A 68 -9.43 -12.32 -14.30
CA SER A 68 -8.60 -11.17 -14.04
C SER A 68 -8.16 -11.12 -12.58
N VAL A 69 -8.82 -11.89 -11.71
CA VAL A 69 -8.38 -11.97 -10.32
C VAL A 69 -7.96 -13.41 -9.91
N PRO A 70 -6.74 -13.57 -9.30
CA PRO A 70 -6.30 -14.88 -8.82
C PRO A 70 -7.33 -15.51 -7.91
N ILE A 71 -7.56 -16.80 -8.07
CA ILE A 71 -8.64 -17.46 -7.32
C ILE A 71 -8.47 -17.36 -5.79
N TRP A 72 -7.22 -17.25 -5.32
CA TRP A 72 -6.95 -17.18 -3.89
C TRP A 72 -7.07 -15.77 -3.31
N GLU A 73 -7.43 -14.80 -4.15
CA GLU A 73 -7.79 -13.46 -3.68
C GLU A 73 -9.31 -13.29 -3.72
N ARG A 74 -9.95 -14.13 -4.52
CA ARG A 74 -11.36 -14.06 -4.73
C ARG A 74 -12.05 -14.84 -3.62
N SER A 75 -11.42 -15.91 -3.17
CA SER A 75 -11.83 -16.65 -2.01
C SER A 75 -10.66 -17.04 -1.14
N PRO A 76 -10.11 -16.06 -0.36
CA PRO A 76 -8.88 -16.26 0.42
C PRO A 76 -9.04 -17.22 1.59
N TRP A 77 -7.91 -17.70 2.11
CA TRP A 77 -7.94 -18.56 3.30
C TRP A 77 -7.88 -17.68 4.48
N VAL A 78 -8.95 -17.71 5.27
CA VAL A 78 -9.07 -16.90 6.46
C VAL A 78 -7.94 -17.20 7.45
N GLU A 79 -7.59 -18.49 7.61
CA GLU A 79 -6.52 -18.90 8.54
C GLU A 79 -5.11 -18.41 8.13
N SER A 80 -4.92 -18.12 6.85
CA SER A 80 -3.64 -17.62 6.40
C SER A 80 -3.44 -16.17 6.79
N GLU A 81 -2.18 -15.77 6.92
CA GLU A 81 -1.81 -14.40 7.26
C GLU A 81 -2.39 -13.40 6.31
N ILE A 82 -2.26 -13.68 5.02
CA ILE A 82 -2.64 -12.74 3.97
C ILE A 82 -4.15 -12.66 3.88
N GLY A 83 -4.80 -13.80 4.11
CA GLY A 83 -6.26 -13.84 4.07
C GLY A 83 -6.89 -13.24 5.30
N TYR A 84 -6.32 -13.49 6.47
CA TYR A 84 -6.80 -12.89 7.72
C TYR A 84 -6.78 -11.40 7.56
N THR A 85 -5.72 -10.91 6.94
CA THR A 85 -5.46 -9.50 6.88
C THR A 85 -6.32 -8.85 5.82
N ALA A 86 -6.48 -9.51 4.66
CA ALA A 86 -7.25 -8.97 3.57
C ALA A 86 -8.74 -8.91 3.89
N LEU A 87 -9.25 -9.90 4.59
CA LEU A 87 -10.68 -10.02 4.80
C LEU A 87 -11.28 -8.90 5.65
N SER A 88 -10.63 -8.55 6.74
CA SER A 88 -11.09 -7.43 7.58
C SER A 88 -11.12 -6.07 6.84
N GLU A 89 -10.32 -5.94 5.75
CA GLU A 89 -10.36 -4.74 4.87
C GLU A 89 -11.32 -4.83 3.67
N THR A 90 -12.03 -5.94 3.58
CA THR A 90 -12.87 -6.23 2.42
C THR A 90 -14.33 -5.92 2.76
N GLU A 91 -14.98 -5.22 1.83
CA GLU A 91 -16.38 -4.89 1.96
C GLU A 91 -17.22 -6.14 1.67
N SER A 92 -18.40 -6.21 2.26
CA SER A 92 -19.34 -7.26 1.98
C SER A 92 -19.90 -7.16 0.56
N PRO A 93 -20.34 -8.27 -0.03
CA PRO A 93 -20.39 -9.63 0.59
C PRO A 93 -19.07 -10.31 0.35
N ARG A 94 -18.48 -10.87 1.41
CA ARG A 94 -17.22 -11.54 1.31
C ARG A 94 -17.43 -12.99 1.05
N LEU A 95 -16.67 -13.50 0.09
CA LEU A 95 -16.47 -14.92 -0.07
C LEU A 95 -15.11 -15.27 0.44
N PHE A 96 -15.02 -16.36 1.19
CA PHE A 96 -13.71 -16.88 1.58
C PHE A 96 -13.70 -18.37 1.93
N SER A 97 -12.49 -18.93 2.08
CA SER A 97 -12.34 -20.39 2.29
C SER A 97 -11.71 -20.68 3.62
N SER A 98 -11.93 -21.88 4.14
CA SER A 98 -11.17 -22.38 5.28
C SER A 98 -11.15 -23.93 5.29
N HIS A 99 -10.02 -24.48 5.76
CA HIS A 99 -9.88 -25.91 6.02
C HIS A 99 -9.82 -26.21 7.52
N LEU A 100 -10.08 -25.18 8.33
CA LEU A 100 -10.14 -25.29 9.80
C LEU A 100 -11.22 -26.25 10.30
N PRO A 101 -10.82 -27.13 11.25
CA PRO A 101 -11.75 -27.94 12.02
C PRO A 101 -12.63 -27.00 12.84
N ILE A 102 -13.81 -27.45 13.21
CA ILE A 102 -14.77 -26.59 13.82
C ILE A 102 -14.23 -25.83 15.00
N GLN A 103 -13.41 -26.49 15.80
CA GLN A 103 -12.95 -25.93 17.06
C GLN A 103 -11.91 -24.86 16.87
N LEU A 104 -11.45 -24.67 15.64
CA LEU A 104 -10.46 -23.65 15.37
C LEU A 104 -11.06 -22.51 14.56
N PHE A 105 -12.34 -22.65 14.21
CA PHE A 105 -13.02 -21.68 13.32
C PHE A 105 -13.45 -20.47 14.10
N PRO A 106 -13.30 -19.23 13.51
CA PRO A 106 -13.62 -18.00 14.25
C PRO A 106 -14.87 -18.18 15.12
N LYS A 107 -14.72 -18.06 16.45
CA LYS A 107 -15.84 -18.22 17.38
C LYS A 107 -17.01 -17.29 17.01
N SER A 108 -16.63 -16.14 16.48
CA SER A 108 -17.58 -15.14 16.04
C SER A 108 -18.71 -15.66 15.11
N PHE A 109 -18.49 -16.81 14.46
CA PHE A 109 -19.44 -17.30 13.46
C PHE A 109 -20.65 -17.85 14.12
N PHE A 110 -20.49 -18.40 15.32
CA PHE A 110 -21.59 -19.20 15.93
C PHE A 110 -22.77 -18.39 16.49
N SER A 111 -22.56 -17.09 16.61
CA SER A 111 -23.63 -16.16 16.94
C SER A 111 -24.11 -15.34 15.73
N SER A 112 -23.58 -15.67 14.54
CA SER A 112 -23.82 -14.93 13.29
C SER A 112 -24.72 -15.71 12.36
N LYS A 113 -25.27 -15.04 11.36
CA LYS A 113 -26.10 -15.67 10.33
C LYS A 113 -25.33 -16.01 9.05
N ALA A 114 -24.00 -15.91 9.09
CA ALA A 114 -23.15 -16.21 7.94
C ALA A 114 -23.50 -17.59 7.36
N LYS A 115 -23.37 -17.72 6.03
CA LYS A 115 -23.68 -18.99 5.35
C LYS A 115 -22.42 -19.73 5.04
N VAL A 116 -22.36 -20.97 5.50
CA VAL A 116 -21.23 -21.85 5.23
C VAL A 116 -21.64 -22.98 4.32
N ILE A 117 -20.81 -23.23 3.29
CA ILE A 117 -20.98 -24.43 2.46
C ILE A 117 -19.89 -25.45 2.75
N TYR A 118 -20.26 -26.57 3.37
CA TYR A 118 -19.28 -27.62 3.68
C TYR A 118 -19.19 -28.61 2.52
N LEU A 119 -18.02 -28.73 1.86
CA LEU A 119 -17.92 -29.73 0.82
C LEU A 119 -17.13 -30.94 1.27
N MET A 120 -17.76 -32.13 1.20
CA MET A 120 -17.11 -33.37 1.60
C MET A 120 -16.81 -34.18 0.33
N ARG A 121 -15.89 -35.12 0.42
CA ARG A 121 -15.49 -35.87 -0.74
C ARG A 121 -15.08 -37.24 -0.21
N ASN A 122 -15.16 -38.27 -1.03
CA ASN A 122 -14.65 -39.58 -0.61
C ASN A 122 -13.20 -39.47 -0.19
N PRO A 123 -12.88 -39.84 1.08
CA PRO A 123 -11.46 -39.58 1.52
C PRO A 123 -10.42 -40.43 0.82
N ARG A 124 -10.86 -41.49 0.15
CA ARG A 124 -9.97 -42.32 -0.69
C ARG A 124 -9.53 -41.48 -1.88
N ASP A 125 -10.47 -40.73 -2.45
CA ASP A 125 -10.15 -39.72 -3.46
C ASP A 125 -9.36 -38.50 -3.00
N VAL A 126 -9.69 -37.95 -1.82
CA VAL A 126 -8.90 -36.89 -1.20
C VAL A 126 -7.48 -37.31 -0.94
N LEU A 127 -7.32 -38.55 -0.47
CA LEU A 127 -6.03 -39.15 -0.23
C LEU A 127 -5.23 -39.14 -1.50
N VAL A 128 -5.80 -39.69 -2.57
CA VAL A 128 -5.10 -39.70 -3.86
C VAL A 128 -4.80 -38.32 -4.37
N SER A 129 -5.78 -37.42 -4.28
CA SER A 129 -5.63 -36.06 -4.76
C SER A 129 -4.50 -35.36 -4.07
N GLY A 130 -4.45 -35.47 -2.76
CA GLY A 130 -3.39 -34.86 -1.99
C GLY A 130 -2.05 -35.48 -2.29
N TYR A 131 -2.01 -36.80 -2.39
CA TYR A 131 -0.75 -37.49 -2.62
C TYR A 131 0.04 -36.91 -3.80
N PHE A 132 -0.64 -36.71 -4.93
CA PHE A 132 -0.02 -36.18 -6.11
C PHE A 132 0.24 -34.68 -6.05
N PHE A 133 -0.65 -33.95 -5.37
CA PHE A 133 -0.52 -32.50 -5.29
C PHE A 133 0.70 -32.02 -4.55
N TRP A 134 0.96 -32.61 -3.37
CA TRP A 134 2.00 -32.09 -2.46
C TRP A 134 3.41 -32.13 -3.06
N LYS A 135 3.58 -32.87 -4.16
CA LYS A 135 4.92 -33.18 -4.69
C LYS A 135 5.68 -31.96 -5.15
N ASN A 136 5.03 -31.07 -5.91
CA ASN A 136 5.68 -29.83 -6.40
C ASN A 136 5.71 -28.69 -5.38
N MET A 137 5.21 -28.94 -4.18
CA MET A 137 5.19 -27.90 -3.14
C MET A 137 6.46 -27.99 -2.33
N LYS A 138 7.22 -26.90 -2.39
CA LYS A 138 8.59 -26.83 -1.85
C LYS A 138 8.61 -26.94 -0.32
N PHE A 139 7.49 -26.64 0.33
CA PHE A 139 7.51 -26.36 1.76
C PHE A 139 6.68 -27.33 2.56
N ILE A 140 6.25 -28.42 1.90
CA ILE A 140 5.52 -29.50 2.56
C ILE A 140 6.44 -30.71 2.74
N LYS A 141 6.30 -31.38 3.89
CA LYS A 141 6.99 -32.65 4.14
C LYS A 141 6.43 -33.77 3.25
N LYS A 142 7.30 -34.29 2.40
CA LYS A 142 6.92 -35.29 1.40
C LYS A 142 7.13 -36.73 1.89
N PRO A 143 6.14 -37.63 1.64
CA PRO A 143 6.23 -39.02 2.05
C PRO A 143 7.30 -39.76 1.24
N LYS A 144 7.87 -40.82 1.83
CA LYS A 144 8.90 -41.65 1.14
C LYS A 144 8.26 -42.36 -0.05
N SER A 145 6.96 -42.64 0.08
CA SER A 145 6.28 -43.60 -0.73
C SER A 145 4.74 -43.47 -0.64
N TRP A 146 4.05 -44.10 -1.59
CA TRP A 146 2.63 -44.17 -1.59
C TRP A 146 2.13 -44.77 -0.28
N GLU A 147 2.76 -45.87 0.12
CA GLU A 147 2.49 -46.58 1.39
C GLU A 147 2.63 -45.73 2.65
N GLU A 148 3.70 -44.93 2.76
CA GLU A 148 3.85 -44.02 3.90
C GLU A 148 2.74 -42.94 3.98
N TYR A 149 2.56 -42.20 2.89
CA TYR A 149 1.43 -41.27 2.78
C TYR A 149 0.08 -41.88 3.14
N PHE A 150 -0.19 -43.08 2.63
CA PHE A 150 -1.43 -43.78 2.96
C PHE A 150 -1.59 -43.87 4.48
N GLU A 151 -0.51 -44.21 5.16
CA GLU A 151 -0.52 -44.41 6.60
C GLU A 151 -0.61 -43.10 7.35
N TRP A 152 0.09 -42.07 6.88
CA TRP A 152 -0.08 -40.71 7.40
C TRP A 152 -1.53 -40.28 7.33
N PHE A 153 -2.16 -40.45 6.17
CA PHE A 153 -3.50 -39.98 5.94
C PHE A 153 -4.47 -40.65 6.90
N CYS A 154 -4.28 -41.95 7.10
CA CYS A 154 -5.16 -42.76 7.90
C CYS A 154 -5.02 -42.44 9.37
N GLN A 155 -3.83 -41.99 9.76
CA GLN A 155 -3.54 -41.65 11.13
C GLN A 155 -3.87 -40.20 11.43
N GLY A 156 -4.06 -39.37 10.40
CA GLY A 156 -4.45 -37.97 10.61
C GLY A 156 -3.26 -37.03 10.77
N THR A 157 -2.06 -37.55 10.55
CA THR A 157 -0.88 -36.70 10.76
C THR A 157 -0.50 -36.06 9.45
N VAL A 158 -1.44 -35.29 8.90
CA VAL A 158 -1.23 -34.59 7.66
C VAL A 158 -1.73 -33.15 7.85
N LEU A 159 -1.29 -32.21 7.00
CA LEU A 159 -1.86 -30.85 6.97
C LEU A 159 -3.36 -30.90 7.28
N TYR A 160 -3.78 -30.15 8.33
CA TYR A 160 -5.20 -29.99 8.75
C TYR A 160 -5.83 -31.13 9.48
N GLY A 161 -4.99 -32.11 9.81
CA GLY A 161 -5.39 -33.15 10.74
C GLY A 161 -6.21 -34.22 10.08
N SER A 162 -6.98 -34.94 10.87
CA SER A 162 -7.63 -36.12 10.39
C SER A 162 -8.90 -35.76 9.68
N TRP A 163 -9.25 -36.53 8.65
CA TRP A 163 -10.41 -36.29 7.83
C TRP A 163 -11.60 -36.70 8.63
N PHE A 164 -11.42 -37.79 9.39
CA PHE A 164 -12.44 -38.35 10.22
C PHE A 164 -12.81 -37.32 11.25
N ASP A 165 -11.81 -36.69 11.86
CA ASP A 165 -12.02 -35.63 12.87
C ASP A 165 -12.70 -34.41 12.26
N HIS A 166 -12.15 -33.90 11.15
CA HIS A 166 -12.76 -32.74 10.47
C HIS A 166 -14.26 -32.94 10.31
N ILE A 167 -14.63 -34.13 9.88
CA ILE A 167 -15.97 -34.47 9.46
C ILE A 167 -16.88 -34.63 10.67
N HIS A 168 -16.42 -35.37 11.68
CA HIS A 168 -17.12 -35.46 12.94
C HIS A 168 -17.55 -34.15 13.56
N GLY A 169 -16.65 -33.19 13.51
CA GLY A 169 -16.79 -31.99 14.26
C GLY A 169 -17.65 -30.97 13.56
N TRP A 170 -17.70 -31.01 12.23
CA TRP A 170 -18.61 -30.16 11.45
C TRP A 170 -20.00 -30.75 11.24
N MET A 171 -20.12 -32.07 11.25
CA MET A 171 -21.42 -32.67 10.91
C MET A 171 -22.62 -32.23 11.77
N PRO A 172 -22.44 -32.01 13.10
CA PRO A 172 -23.52 -31.46 13.96
C PRO A 172 -24.22 -30.21 13.42
N MET A 173 -23.51 -29.44 12.60
CA MET A 173 -24.05 -28.22 12.00
C MET A 173 -25.06 -28.48 10.90
N ARG A 174 -25.15 -29.72 10.44
CA ARG A 174 -25.93 -30.04 9.24
C ARG A 174 -27.41 -29.77 9.42
N GLU A 175 -27.81 -29.58 10.67
CA GLU A 175 -29.18 -29.32 10.99
C GLU A 175 -29.46 -27.80 11.13
N GLU A 176 -28.42 -26.97 10.97
CA GLU A 176 -28.55 -25.52 11.07
C GLU A 176 -28.96 -24.92 9.75
N LYS A 177 -29.80 -23.88 9.82
CA LYS A 177 -30.34 -23.25 8.59
C LYS A 177 -29.26 -22.60 7.68
N ASN A 178 -28.17 -22.12 8.28
CA ASN A 178 -27.10 -21.46 7.52
C ASN A 178 -25.89 -22.37 7.23
N PHE A 179 -26.12 -23.69 7.24
CA PHE A 179 -25.12 -24.71 6.87
C PHE A 179 -25.67 -25.53 5.68
N LEU A 180 -24.92 -25.55 4.57
CA LEU A 180 -25.25 -26.46 3.45
C LEU A 180 -24.22 -27.56 3.32
N LEU A 181 -24.70 -28.79 3.36
CA LEU A 181 -23.85 -29.94 3.13
C LEU A 181 -23.89 -30.47 1.71
N LEU A 182 -22.72 -30.42 1.02
CA LEU A 182 -22.63 -30.89 -0.34
C LEU A 182 -21.62 -31.99 -0.39
N SER A 183 -21.59 -32.73 -1.49
CA SER A 183 -20.52 -33.65 -1.72
C SER A 183 -19.91 -33.35 -3.12
N TYR A 184 -18.62 -33.51 -3.24
CA TYR A 184 -17.97 -33.43 -4.56
C TYR A 184 -18.59 -34.43 -5.53
N GLU A 185 -19.03 -35.57 -5.01
CA GLU A 185 -19.57 -36.57 -5.90
C GLU A 185 -20.81 -36.04 -6.59
N GLU A 186 -21.73 -35.43 -5.81
CA GLU A 186 -23.05 -34.99 -6.33
C GLU A 186 -22.84 -33.77 -7.21
N LEU A 187 -21.85 -32.96 -6.83
CA LEU A 187 -21.52 -31.78 -7.61
C LEU A 187 -21.09 -32.29 -8.95
N LYS A 188 -20.37 -33.40 -9.00
CA LYS A 188 -19.75 -33.86 -10.26
C LYS A 188 -20.81 -34.53 -11.08
N GLN A 189 -21.60 -35.37 -10.44
CA GLN A 189 -22.67 -36.13 -11.07
C GLN A 189 -23.71 -35.23 -11.71
N ASP A 190 -24.24 -34.27 -10.95
CA ASP A 190 -25.22 -33.26 -11.50
C ASP A 190 -24.86 -31.85 -11.08
N THR A 191 -23.98 -31.23 -11.83
CA THR A 191 -23.49 -29.89 -11.51
C THR A 191 -24.55 -28.82 -11.49
N GLY A 192 -25.44 -28.83 -12.50
CA GLY A 192 -26.58 -27.90 -12.58
C GLY A 192 -27.56 -28.03 -11.42
N ARG A 193 -28.04 -29.24 -11.16
CA ARG A 193 -28.85 -29.50 -9.95
C ARG A 193 -28.16 -29.02 -8.69
N THR A 194 -26.83 -29.18 -8.61
CA THR A 194 -26.16 -28.81 -7.38
C THR A 194 -26.14 -27.29 -7.28
N ILE A 195 -25.75 -26.62 -8.38
CA ILE A 195 -25.75 -25.18 -8.43
C ILE A 195 -27.14 -24.66 -8.02
N GLU A 196 -28.18 -25.29 -8.53
CA GLU A 196 -29.54 -24.91 -8.13
C GLU A 196 -29.76 -25.00 -6.63
N LYS A 197 -29.33 -26.11 -6.04
CA LYS A 197 -29.28 -26.28 -4.59
C LYS A 197 -28.51 -25.16 -3.85
N ILE A 198 -27.40 -24.72 -4.41
CA ILE A 198 -26.64 -23.64 -3.79
C ILE A 198 -27.38 -22.29 -3.88
N CYS A 199 -27.95 -21.95 -5.04
CA CYS A 199 -28.83 -20.75 -5.21
C CYS A 199 -29.94 -20.69 -4.15
N GLN A 200 -30.69 -21.76 -4.04
CA GLN A 200 -31.81 -21.80 -3.13
C GLN A 200 -31.38 -21.55 -1.68
N PHE A 201 -30.23 -22.11 -1.30
CA PHE A 201 -29.67 -21.94 0.04
C PHE A 201 -29.23 -20.51 0.25
N LEU A 202 -28.62 -19.92 -0.76
CA LEU A 202 -28.13 -18.56 -0.71
C LEU A 202 -29.24 -17.53 -1.01
N GLY A 203 -30.40 -17.99 -1.44
CA GLY A 203 -31.55 -17.12 -1.63
C GLY A 203 -31.42 -16.32 -2.91
N LYS A 204 -30.79 -16.93 -3.92
CA LYS A 204 -30.59 -16.32 -5.23
C LYS A 204 -31.37 -17.06 -6.33
N THR A 205 -31.64 -16.38 -7.43
CA THR A 205 -32.19 -17.05 -8.59
C THR A 205 -31.27 -16.77 -9.74
N LEU A 206 -31.24 -17.70 -10.69
CA LEU A 206 -30.52 -17.50 -11.97
C LEU A 206 -31.45 -17.82 -13.10
N GLU A 207 -31.28 -17.11 -14.21
CA GLU A 207 -32.01 -17.42 -15.43
C GLU A 207 -31.30 -18.55 -16.17
N PRO A 208 -32.07 -19.40 -16.89
CA PRO A 208 -31.47 -20.51 -17.62
C PRO A 208 -30.13 -20.15 -18.31
N GLU A 209 -30.09 -19.02 -19.02
CA GLU A 209 -28.87 -18.64 -19.78
C GLU A 209 -27.67 -18.46 -18.86
N GLU A 210 -27.90 -17.94 -17.66
CA GLU A 210 -26.85 -17.66 -16.67
C GLU A 210 -26.29 -18.93 -16.09
N LEU A 211 -27.17 -19.86 -15.75
CA LEU A 211 -26.73 -21.15 -15.29
C LEU A 211 -25.89 -21.81 -16.37
N ASN A 212 -26.35 -21.76 -17.62
CA ASN A 212 -25.64 -22.43 -18.66
C ASN A 212 -24.22 -21.92 -18.76
N LEU A 213 -24.03 -20.64 -18.51
CA LEU A 213 -22.72 -19.99 -18.67
C LEU A 213 -21.79 -20.28 -17.46
N ILE A 214 -22.39 -20.57 -16.30
CA ILE A 214 -21.64 -20.97 -15.11
C ILE A 214 -21.20 -22.42 -15.29
N LEU A 215 -22.08 -23.28 -15.80
CA LEU A 215 -21.67 -24.61 -16.25
C LEU A 215 -20.51 -24.52 -17.24
N LYS A 216 -20.63 -23.68 -18.23
CA LYS A 216 -19.62 -23.62 -19.21
C LYS A 216 -18.27 -23.17 -18.61
N ASN A 217 -18.32 -22.10 -17.79
CA ASN A 217 -17.12 -21.41 -17.30
C ASN A 217 -16.47 -21.98 -16.03
N SER A 218 -17.12 -22.94 -15.40
CA SER A 218 -16.52 -23.61 -14.24
C SER A 218 -16.08 -25.03 -14.58
N SER A 219 -16.06 -25.36 -15.87
CA SER A 219 -15.65 -26.71 -16.33
C SER A 219 -14.20 -27.00 -15.92
N PHE A 220 -13.83 -28.29 -15.84
CA PHE A 220 -12.47 -28.67 -15.52
C PHE A 220 -11.51 -27.99 -16.50
N GLN A 221 -11.89 -27.97 -17.78
CA GLN A 221 -11.06 -27.43 -18.83
C GLN A 221 -10.97 -25.89 -18.81
N SER A 222 -12.10 -25.20 -18.59
CA SER A 222 -12.04 -23.72 -18.44
C SER A 222 -11.06 -23.39 -17.33
N MET A 223 -11.25 -24.06 -16.18
CA MET A 223 -10.38 -23.78 -15.02
C MET A 223 -8.93 -24.14 -15.29
N LYS A 224 -8.70 -25.29 -15.94
CA LYS A 224 -7.35 -25.69 -16.32
C LYS A 224 -6.73 -24.62 -17.21
N GLU A 225 -7.52 -24.05 -18.12
CA GLU A 225 -7.02 -23.02 -19.06
C GLU A 225 -6.95 -21.58 -18.49
N ASN A 226 -7.57 -21.35 -17.35
CA ASN A 226 -7.59 -20.02 -16.75
C ASN A 226 -6.38 -19.75 -15.82
N LYS A 227 -5.49 -18.87 -16.23
CA LYS A 227 -4.28 -18.60 -15.46
C LYS A 227 -4.54 -18.24 -14.00
N MET A 228 -5.65 -17.58 -13.73
CA MET A 228 -5.93 -17.12 -12.37
C MET A 228 -6.35 -18.28 -11.47
N SER A 229 -6.92 -19.32 -12.09
CA SER A 229 -7.57 -20.40 -11.37
C SER A 229 -6.74 -21.67 -11.32
N ASN A 230 -5.70 -21.78 -12.14
CA ASN A 230 -5.05 -23.09 -12.29
C ASN A 230 -3.83 -23.30 -11.42
N TYR A 231 -3.53 -22.30 -10.61
CA TYR A 231 -2.36 -22.24 -9.71
C TYR A 231 -1.04 -21.95 -10.45
N SER A 232 -1.13 -21.67 -11.74
CA SER A 232 0.06 -21.35 -12.52
C SER A 232 0.77 -20.04 -12.09
N LEU A 233 0.10 -19.25 -11.26
CA LEU A 233 0.65 -17.96 -10.83
C LEU A 233 1.40 -18.04 -9.55
N LEU A 234 1.42 -19.21 -8.92
CA LEU A 234 2.15 -19.35 -7.66
C LEU A 234 3.60 -18.96 -7.87
N SER A 235 4.20 -18.35 -6.85
CA SER A 235 5.62 -17.99 -6.90
C SER A 235 6.49 -19.25 -6.88
N VAL A 236 7.68 -19.19 -7.50
CA VAL A 236 8.67 -20.26 -7.38
C VAL A 236 9.18 -20.43 -5.94
N ASP A 237 8.82 -19.47 -5.07
CA ASP A 237 9.12 -19.54 -3.62
C ASP A 237 8.27 -20.61 -2.93
N TYR A 238 7.18 -20.99 -3.60
CA TYR A 238 6.18 -21.85 -3.01
C TYR A 238 6.25 -23.25 -3.62
N VAL A 239 6.70 -23.33 -4.86
CA VAL A 239 6.45 -24.50 -5.73
C VAL A 239 7.66 -24.81 -6.65
N VAL A 240 7.87 -26.09 -6.97
CA VAL A 240 8.79 -26.53 -8.04
C VAL A 240 7.99 -26.92 -9.30
N ASP A 241 8.58 -26.67 -10.47
CA ASP A 241 7.87 -26.80 -11.76
C ASP A 241 6.52 -26.00 -11.72
N LYS A 242 5.38 -26.68 -11.86
CA LYS A 242 4.08 -25.99 -11.98
C LYS A 242 2.92 -26.62 -11.15
N ALA A 243 1.79 -25.90 -11.09
CA ALA A 243 0.47 -26.42 -10.58
C ALA A 243 0.67 -27.34 -9.43
N GLN A 244 0.16 -28.60 -9.44
CA GLN A 244 -0.82 -29.18 -10.40
C GLN A 244 -2.22 -29.36 -9.77
N LEU A 245 -3.01 -28.31 -9.75
CA LEU A 245 -4.30 -28.36 -9.04
C LEU A 245 -5.30 -29.22 -9.79
N LEU A 246 -5.38 -28.95 -11.08
CA LEU A 246 -6.28 -29.60 -11.98
C LEU A 246 -5.62 -30.82 -12.60
N ARG A 247 -5.66 -31.92 -11.87
CA ARG A 247 -5.08 -33.20 -12.24
C ARG A 247 -6.05 -34.06 -13.05
N LYS A 248 -7.14 -34.55 -12.46
CA LYS A 248 -8.00 -35.46 -13.22
C LYS A 248 -9.51 -35.10 -13.19
N GLY A 249 -9.98 -34.64 -12.03
CA GLY A 249 -11.27 -34.02 -11.99
C GLY A 249 -12.42 -34.98 -12.05
N VAL A 250 -12.24 -36.18 -11.50
CA VAL A 250 -13.35 -37.18 -11.43
C VAL A 250 -13.47 -37.76 -10.05
N SER A 251 -14.60 -38.39 -9.78
CA SER A 251 -14.71 -39.31 -8.68
C SER A 251 -14.13 -40.64 -9.08
N GLY A 252 -13.59 -41.35 -8.09
CA GLY A 252 -13.40 -42.78 -8.23
C GLY A 252 -12.02 -43.11 -8.61
N ASP A 253 -11.13 -42.13 -8.68
CA ASP A 253 -9.77 -42.40 -9.07
C ASP A 253 -9.02 -43.25 -8.05
N TRP A 254 -9.47 -43.22 -6.80
CA TRP A 254 -8.84 -44.06 -5.79
C TRP A 254 -8.70 -45.54 -6.23
N LYS A 255 -9.58 -46.04 -7.08
CA LYS A 255 -9.47 -47.44 -7.45
C LYS A 255 -8.22 -47.73 -8.30
N ASN A 256 -7.63 -46.71 -8.90
CA ASN A 256 -6.45 -46.90 -9.74
C ASN A 256 -5.18 -46.87 -8.95
N HIS A 257 -5.31 -46.64 -7.65
CA HIS A 257 -4.16 -46.44 -6.80
C HIS A 257 -4.17 -47.32 -5.55
N PHE A 258 -5.33 -47.54 -4.91
CA PHE A 258 -5.41 -48.45 -3.74
C PHE A 258 -5.17 -49.90 -4.22
N THR A 259 -4.50 -50.72 -3.41
CA THR A 259 -4.46 -52.14 -3.69
C THR A 259 -5.71 -52.72 -3.00
N VAL A 260 -6.05 -53.96 -3.32
CA VAL A 260 -7.23 -54.56 -2.71
C VAL A 260 -7.02 -54.61 -1.20
N ALA A 261 -5.76 -54.79 -0.79
CA ALA A 261 -5.43 -54.90 0.61
C ALA A 261 -5.51 -53.53 1.29
N GLN A 262 -4.98 -52.47 0.65
CA GLN A 262 -5.19 -51.12 1.13
C GLN A 262 -6.68 -50.82 1.24
N ALA A 263 -7.44 -51.17 0.22
CA ALA A 263 -8.84 -50.88 0.19
C ALA A 263 -9.59 -51.55 1.30
N GLU A 264 -9.26 -52.81 1.60
CA GLU A 264 -9.91 -53.57 2.68
C GLU A 264 -9.63 -52.96 4.03
N ASP A 265 -8.39 -52.49 4.24
CA ASP A 265 -7.99 -51.80 5.46
C ASP A 265 -8.69 -50.45 5.67
N PHE A 266 -8.84 -49.67 4.60
CA PHE A 266 -9.51 -48.38 4.71
C PHE A 266 -10.98 -48.57 5.00
N ASP A 267 -11.57 -49.57 4.36
CA ASP A 267 -12.99 -49.85 4.57
C ASP A 267 -13.28 -50.12 6.05
N LYS A 268 -12.49 -51.01 6.62
CA LYS A 268 -12.52 -51.31 8.03
C LYS A 268 -12.24 -50.09 8.90
N LEU A 269 -11.28 -49.26 8.49
CA LEU A 269 -10.98 -48.04 9.25
C LEU A 269 -12.12 -47.06 9.15
N PHE A 270 -12.59 -46.83 7.94
CA PHE A 270 -13.69 -45.92 7.74
C PHE A 270 -14.93 -46.40 8.50
N GLN A 271 -15.14 -47.71 8.51
CA GLN A 271 -16.34 -48.28 9.13
C GLN A 271 -16.28 -48.16 10.66
N GLU A 272 -15.07 -48.20 11.21
CA GLU A 272 -14.87 -48.07 12.63
C GLU A 272 -15.03 -46.63 13.09
N LYS A 273 -14.55 -45.69 12.27
CA LYS A 273 -14.50 -44.29 12.67
C LYS A 273 -15.82 -43.57 12.46
N MET A 274 -16.64 -44.07 11.55
CA MET A 274 -17.85 -43.36 11.13
C MET A 274 -19.11 -44.07 11.55
N ALA A 275 -18.94 -45.05 12.45
CA ALA A 275 -20.02 -45.79 13.02
C ALA A 275 -21.05 -44.91 13.69
N ASP A 276 -20.61 -43.83 14.30
CA ASP A 276 -21.52 -42.99 15.06
C ASP A 276 -22.31 -42.02 14.20
N LEU A 277 -22.01 -41.97 12.91
CA LEU A 277 -22.74 -41.12 11.96
C LEU A 277 -23.59 -41.97 11.02
N PRO A 278 -24.68 -41.41 10.48
CA PRO A 278 -25.55 -42.15 9.57
C PRO A 278 -24.90 -42.44 8.22
N ARG A 279 -24.90 -43.71 7.80
CA ARG A 279 -24.26 -44.09 6.52
C ARG A 279 -24.77 -43.31 5.32
N GLU A 280 -26.04 -42.90 5.36
CA GLU A 280 -26.67 -42.25 4.20
C GLU A 280 -26.03 -40.88 3.92
N LEU A 281 -25.33 -40.36 4.91
CA LEU A 281 -24.59 -39.10 4.82
C LEU A 281 -23.46 -39.12 3.79
N PHE A 282 -23.01 -40.32 3.40
CA PHE A 282 -21.79 -40.42 2.59
C PHE A 282 -22.08 -41.05 1.25
N PRO A 283 -22.23 -40.23 0.20
CA PRO A 283 -22.63 -40.68 -1.15
C PRO A 283 -21.92 -41.96 -1.66
N TRP A 284 -20.58 -41.95 -1.76
CA TRP A 284 -19.81 -43.20 -2.01
C TRP A 284 -20.28 -44.28 -1.01
N GLU A 285 -19.92 -45.55 -1.18
CA GLU A 285 -19.66 -46.25 -2.42
C GLU A 285 -19.54 -47.71 -1.97
N ASP B 4 -20.36 28.24 -21.46
CA ASP B 4 -20.17 26.93 -22.15
C ASP B 4 -20.69 25.75 -21.33
N PHE B 5 -21.54 24.93 -21.95
CA PHE B 5 -21.93 23.62 -21.45
C PHE B 5 -21.77 22.62 -22.61
N LEU B 6 -21.67 21.34 -22.28
CA LEU B 6 -21.88 20.31 -23.28
C LEU B 6 -23.37 20.03 -23.39
N TRP B 7 -23.93 20.21 -24.59
CA TRP B 7 -25.33 20.01 -24.82
C TRP B 7 -25.54 18.66 -25.44
N PHE B 8 -26.41 17.85 -24.84
CA PHE B 8 -26.70 16.55 -25.36
C PHE B 8 -28.17 16.35 -25.14
N GLU B 9 -28.88 16.00 -26.21
CA GLU B 9 -30.33 15.82 -26.18
C GLU B 9 -31.08 16.96 -25.48
N GLY B 10 -30.64 18.21 -25.68
CA GLY B 10 -31.35 19.36 -25.12
C GLY B 10 -31.13 19.61 -23.62
N ILE B 11 -30.12 18.95 -23.06
CA ILE B 11 -29.84 19.00 -21.61
C ILE B 11 -28.40 19.40 -21.50
N ALA B 12 -28.09 20.38 -20.64
CA ALA B 12 -26.70 20.86 -20.43
C ALA B 12 -25.95 19.97 -19.46
N PHE B 13 -24.67 19.74 -19.77
CA PHE B 13 -23.77 18.88 -19.00
C PHE B 13 -22.51 19.65 -18.78
N PRO B 14 -21.76 19.32 -17.72
CA PRO B 14 -20.46 19.98 -17.51
C PRO B 14 -19.46 19.86 -18.67
N THR B 15 -18.65 20.89 -18.79
CA THR B 15 -17.59 21.03 -19.77
C THR B 15 -16.47 20.00 -19.55
N MET B 16 -16.35 19.50 -18.32
CA MET B 16 -15.33 18.50 -17.97
C MET B 16 -15.95 17.21 -17.50
N GLY B 17 -15.46 16.09 -18.05
CA GLY B 17 -15.76 14.78 -17.49
C GLY B 17 -16.82 14.07 -18.27
N PHE B 18 -17.36 14.74 -19.30
CA PHE B 18 -18.52 14.24 -20.02
C PHE B 18 -18.31 14.32 -21.51
N ARG B 19 -18.89 13.34 -22.23
CA ARG B 19 -18.80 13.25 -23.72
C ARG B 19 -20.09 12.77 -24.31
N SER B 20 -20.48 13.39 -25.42
CA SER B 20 -21.68 13.05 -26.13
C SER B 20 -21.71 11.57 -26.43
N GLU B 21 -20.62 11.06 -26.95
CA GLU B 21 -20.51 9.66 -27.30
C GLU B 21 -20.75 8.70 -26.13
N THR B 22 -20.17 9.00 -24.97
CA THR B 22 -20.38 8.21 -23.76
C THR B 22 -21.84 8.25 -23.31
N LEU B 23 -22.46 9.42 -23.43
CA LEU B 23 -23.79 9.65 -22.94
C LEU B 23 -24.79 8.89 -23.75
N ARG B 24 -24.52 8.76 -25.05
CA ARG B 24 -25.29 7.90 -25.94
C ARG B 24 -25.24 6.42 -25.50
N LYS B 25 -24.02 5.94 -25.24
CA LYS B 25 -23.83 4.57 -24.77
C LYS B 25 -24.43 4.32 -23.39
N VAL B 26 -24.38 5.32 -22.51
CA VAL B 26 -25.06 5.27 -21.22
C VAL B 26 -26.55 4.92 -21.39
N ARG B 27 -27.24 5.65 -22.28
CA ARG B 27 -28.68 5.41 -22.62
C ARG B 27 -28.90 4.05 -23.30
N ASP B 28 -28.03 3.76 -24.27
CA ASP B 28 -28.26 2.71 -25.25
C ASP B 28 -27.58 1.38 -24.94
N GLU B 29 -26.40 1.43 -24.34
CA GLU B 29 -25.54 0.24 -24.19
C GLU B 29 -25.22 -0.16 -22.73
N PHE B 30 -25.16 0.80 -21.82
CA PHE B 30 -24.79 0.47 -20.46
C PHE B 30 -25.79 -0.53 -19.86
N VAL B 31 -25.27 -1.57 -19.19
CA VAL B 31 -26.08 -2.70 -18.72
C VAL B 31 -26.37 -2.54 -17.22
N ILE B 32 -27.64 -2.54 -16.87
CA ILE B 32 -28.07 -2.46 -15.48
C ILE B 32 -28.25 -3.90 -15.00
N ARG B 33 -27.69 -4.21 -13.83
CA ARG B 33 -27.84 -5.52 -13.22
C ARG B 33 -28.96 -5.42 -12.21
N ASP B 34 -29.69 -6.50 -11.97
CA ASP B 34 -30.74 -6.49 -10.93
C ASP B 34 -30.24 -6.20 -9.52
N GLU B 35 -28.92 -6.24 -9.32
CA GLU B 35 -28.33 -6.05 -7.99
C GLU B 35 -27.90 -4.60 -7.70
N ASP B 36 -28.14 -3.74 -8.69
CA ASP B 36 -27.77 -2.36 -8.60
C ASP B 36 -28.66 -1.63 -7.66
N VAL B 37 -28.05 -0.70 -6.92
CA VAL B 37 -28.72 0.29 -6.14
C VAL B 37 -28.32 1.62 -6.68
N ILE B 38 -29.32 2.39 -7.12
CA ILE B 38 -29.05 3.66 -7.82
C ILE B 38 -29.73 4.84 -7.18
N ILE B 39 -28.96 5.89 -6.96
CA ILE B 39 -29.52 7.12 -6.45
C ILE B 39 -29.79 8.06 -7.58
N LEU B 40 -31.04 8.47 -7.69
CA LEU B 40 -31.43 9.47 -8.70
C LEU B 40 -31.78 10.78 -8.08
N THR B 41 -31.04 11.83 -8.42
CA THR B 41 -31.32 13.18 -7.95
C THR B 41 -31.18 14.23 -9.07
N TYR B 42 -31.93 15.31 -8.90
CA TYR B 42 -31.60 16.58 -9.48
C TYR B 42 -30.57 17.14 -8.56
N PRO B 43 -29.51 17.70 -9.13
CA PRO B 43 -28.36 18.14 -8.38
C PRO B 43 -28.73 19.09 -7.27
N LYS B 44 -28.23 18.84 -6.02
CA LYS B 44 -28.44 19.64 -4.84
C LYS B 44 -29.71 19.18 -4.05
N SER B 45 -30.18 17.98 -4.35
CA SER B 45 -31.28 17.44 -3.56
C SER B 45 -30.83 16.62 -2.42
N GLY B 46 -29.51 16.54 -2.22
CA GLY B 46 -28.93 15.69 -1.19
C GLY B 46 -28.25 14.40 -1.65
N THR B 47 -27.53 14.43 -2.80
CA THR B 47 -27.03 13.22 -3.45
C THR B 47 -25.98 12.51 -2.59
N ASN B 48 -24.98 13.30 -2.17
CA ASN B 48 -23.85 12.87 -1.38
C ASN B 48 -24.17 12.40 0.02
N TRP B 49 -25.31 12.87 0.56
CA TRP B 49 -25.78 12.50 1.87
C TRP B 49 -26.47 11.14 1.81
N LEU B 50 -27.38 10.97 0.86
CA LEU B 50 -27.83 9.67 0.48
C LEU B 50 -26.71 8.67 0.18
N ALA B 51 -25.72 9.05 -0.65
CA ALA B 51 -24.60 8.14 -0.95
C ALA B 51 -23.93 7.69 0.33
N GLU B 52 -23.67 8.60 1.24
CA GLU B 52 -22.89 8.31 2.45
C GLU B 52 -23.75 7.43 3.37
N ILE B 53 -25.03 7.72 3.43
CA ILE B 53 -25.92 6.88 4.25
C ILE B 53 -25.88 5.45 3.72
N LEU B 54 -25.97 5.31 2.41
CA LEU B 54 -26.09 3.97 1.83
C LEU B 54 -24.86 3.18 2.03
N CYS B 55 -23.69 3.78 1.74
CA CYS B 55 -22.43 3.21 2.11
C CYS B 55 -22.35 2.72 3.55
N LEU B 56 -22.82 3.54 4.47
CA LEU B 56 -22.86 3.20 5.91
C LEU B 56 -23.89 2.09 6.21
N MET B 57 -24.98 2.03 5.48
CA MET B 57 -25.93 0.92 5.71
C MET B 57 -25.28 -0.42 5.30
N HIS B 58 -24.42 -0.33 4.30
CA HIS B 58 -23.80 -1.47 3.71
C HIS B 58 -22.76 -2.05 4.66
N SER B 59 -22.02 -1.16 5.33
CA SER B 59 -20.99 -1.55 6.31
C SER B 59 -21.50 -1.60 7.73
N LYS B 60 -22.80 -1.57 7.89
CA LYS B 60 -23.45 -1.59 9.20
C LYS B 60 -22.97 -0.55 10.26
N GLY B 61 -22.59 0.64 9.77
CA GLY B 61 -22.22 1.77 10.60
C GLY B 61 -20.73 1.97 10.64
N ASP B 62 -20.00 1.02 10.09
CA ASP B 62 -18.56 1.02 10.17
C ASP B 62 -17.99 1.98 9.13
N ALA B 63 -17.33 3.03 9.63
CA ALA B 63 -16.85 4.11 8.82
C ALA B 63 -15.54 3.84 8.08
N LYS B 64 -15.00 2.61 8.19
CA LYS B 64 -13.70 2.27 7.56
C LYS B 64 -13.61 2.68 6.11
N TRP B 65 -14.64 2.36 5.33
CA TRP B 65 -14.54 2.54 3.88
C TRP B 65 -14.88 3.93 3.40
N ILE B 66 -15.79 4.60 4.10
CA ILE B 66 -16.10 6.03 3.80
C ILE B 66 -14.99 6.97 4.12
N GLN B 67 -14.08 6.55 4.98
CA GLN B 67 -12.97 7.39 5.36
C GLN B 67 -11.73 7.11 4.59
N SER B 68 -11.75 6.04 3.78
CA SER B 68 -10.61 5.63 3.01
C SER B 68 -10.85 5.65 1.50
N VAL B 69 -12.11 5.73 1.09
CA VAL B 69 -12.44 5.85 -0.33
C VAL B 69 -13.29 7.12 -0.65
N PRO B 70 -12.82 7.95 -1.62
CA PRO B 70 -13.51 9.13 -2.10
C PRO B 70 -14.95 8.81 -2.44
N ILE B 71 -15.87 9.67 -2.02
CA ILE B 71 -17.33 9.40 -2.11
C ILE B 71 -17.81 9.20 -3.56
N TRP B 72 -17.13 9.87 -4.48
CA TRP B 72 -17.45 9.77 -5.89
C TRP B 72 -16.94 8.49 -6.55
N GLU B 73 -16.11 7.73 -5.83
CA GLU B 73 -15.67 6.40 -6.28
C GLU B 73 -16.52 5.31 -5.66
N ARG B 74 -17.04 5.57 -4.47
CA ARG B 74 -17.98 4.68 -3.79
C ARG B 74 -19.34 4.72 -4.42
N SER B 75 -19.62 5.85 -5.05
CA SER B 75 -20.89 6.03 -5.72
C SER B 75 -20.71 6.96 -6.91
N PRO B 76 -20.17 6.39 -8.00
CA PRO B 76 -19.80 7.07 -9.22
C PRO B 76 -21.02 7.64 -9.96
N TRP B 77 -20.78 8.63 -10.79
CA TRP B 77 -21.81 9.11 -11.71
C TRP B 77 -21.77 8.27 -12.95
N VAL B 78 -22.84 7.54 -13.21
CA VAL B 78 -22.87 6.63 -14.34
C VAL B 78 -22.70 7.37 -15.65
N GLU B 79 -23.29 8.56 -15.75
CA GLU B 79 -23.20 9.35 -16.96
C GLU B 79 -21.80 9.96 -17.21
N SER B 80 -20.97 10.08 -16.17
CA SER B 80 -19.60 10.62 -16.39
C SER B 80 -18.71 9.62 -17.07
N GLU B 81 -17.70 10.10 -17.76
CA GLU B 81 -16.79 9.21 -18.44
C GLU B 81 -16.10 8.24 -17.50
N ILE B 82 -15.58 8.74 -16.39
CA ILE B 82 -14.87 7.90 -15.42
C ILE B 82 -15.83 6.91 -14.80
N GLY B 83 -17.03 7.38 -14.49
CA GLY B 83 -18.04 6.53 -13.89
C GLY B 83 -18.50 5.43 -14.80
N TYR B 84 -18.73 5.77 -16.07
CA TYR B 84 -19.27 4.84 -17.04
C TYR B 84 -18.35 3.65 -17.13
N THR B 85 -17.08 3.97 -17.19
CA THR B 85 -16.04 3.02 -17.40
C THR B 85 -15.76 2.18 -16.19
N ALA B 86 -15.61 2.84 -15.02
CA ALA B 86 -15.35 2.16 -13.78
C ALA B 86 -16.45 1.16 -13.43
N LEU B 87 -17.69 1.48 -13.75
CA LEU B 87 -18.84 0.62 -13.35
C LEU B 87 -18.96 -0.74 -14.09
N SER B 88 -18.67 -0.74 -15.40
CA SER B 88 -18.55 -2.00 -16.20
C SER B 88 -17.65 -3.02 -15.53
N GLU B 89 -16.51 -2.54 -14.98
CA GLU B 89 -15.49 -3.36 -14.31
C GLU B 89 -15.77 -3.72 -12.83
N THR B 90 -16.75 -3.09 -12.23
CA THR B 90 -17.04 -3.27 -10.83
C THR B 90 -17.93 -4.50 -10.62
N GLU B 91 -17.60 -5.29 -9.61
CA GLU B 91 -18.42 -6.44 -9.22
C GLU B 91 -19.67 -5.96 -8.49
N SER B 92 -20.74 -6.76 -8.51
CA SER B 92 -21.90 -6.50 -7.71
C SER B 92 -21.59 -6.66 -6.22
N PRO B 93 -22.40 -6.04 -5.34
CA PRO B 93 -23.47 -5.05 -5.61
C PRO B 93 -22.88 -3.66 -5.91
N ARG B 94 -23.30 -3.06 -7.02
CA ARG B 94 -22.87 -1.73 -7.39
C ARG B 94 -23.76 -0.69 -6.78
N LEU B 95 -23.15 0.34 -6.22
CA LEU B 95 -23.87 1.53 -5.83
C LEU B 95 -23.42 2.56 -6.76
N PHE B 96 -24.35 3.34 -7.30
CA PHE B 96 -23.97 4.51 -8.08
C PHE B 96 -25.06 5.58 -8.19
N SER B 97 -24.66 6.76 -8.66
CA SER B 97 -25.52 7.94 -8.70
C SER B 97 -25.85 8.38 -10.11
N SER B 98 -27.04 8.99 -10.29
CA SER B 98 -27.33 9.67 -11.55
C SER B 98 -28.21 10.90 -11.40
N HIS B 99 -27.92 11.94 -12.18
CA HIS B 99 -28.78 13.13 -12.26
C HIS B 99 -29.55 13.13 -13.60
N LEU B 100 -29.55 12.02 -14.32
CA LEU B 100 -30.18 11.93 -15.62
C LEU B 100 -31.71 11.95 -15.56
N PRO B 101 -32.32 12.75 -16.44
CA PRO B 101 -33.76 12.64 -16.59
C PRO B 101 -34.04 11.31 -17.22
N ILE B 102 -35.23 10.82 -17.03
CA ILE B 102 -35.56 9.49 -17.31
C ILE B 102 -35.20 9.10 -18.74
N GLN B 103 -35.49 9.97 -19.68
CA GLN B 103 -35.33 9.66 -21.09
C GLN B 103 -33.84 9.54 -21.44
N LEU B 104 -32.96 9.87 -20.52
CA LEU B 104 -31.52 9.74 -20.80
C LEU B 104 -30.88 8.58 -20.05
N PHE B 105 -31.68 7.90 -19.23
CA PHE B 105 -31.19 6.88 -18.33
C PHE B 105 -31.04 5.57 -19.06
N PRO B 106 -30.01 4.76 -18.69
CA PRO B 106 -29.82 3.44 -19.29
C PRO B 106 -31.15 2.75 -19.56
N LYS B 107 -31.45 2.55 -20.84
CA LYS B 107 -32.66 1.87 -21.29
C LYS B 107 -32.74 0.51 -20.63
N SER B 108 -31.58 -0.07 -20.41
CA SER B 108 -31.44 -1.40 -19.81
C SER B 108 -32.10 -1.51 -18.43
N PHE B 109 -32.24 -0.40 -17.73
CA PHE B 109 -32.83 -0.41 -16.41
C PHE B 109 -34.25 -0.87 -16.46
N PHE B 110 -34.94 -0.53 -17.55
CA PHE B 110 -36.39 -0.62 -17.59
C PHE B 110 -36.95 -2.06 -17.72
N SER B 111 -36.07 -3.00 -18.04
CA SER B 111 -36.40 -4.43 -17.97
C SER B 111 -35.72 -5.17 -16.78
N SER B 112 -35.14 -4.41 -15.84
CA SER B 112 -34.40 -4.99 -14.71
C SER B 112 -35.18 -4.83 -13.43
N LYS B 113 -34.72 -5.53 -12.38
CA LYS B 113 -35.24 -5.37 -11.04
C LYS B 113 -34.33 -4.48 -10.19
N ALA B 114 -33.40 -3.75 -10.83
CA ALA B 114 -32.54 -2.82 -10.10
C ALA B 114 -33.39 -1.84 -9.28
N LYS B 115 -32.93 -1.51 -8.09
CA LYS B 115 -33.63 -0.61 -7.20
C LYS B 115 -33.09 0.77 -7.28
N VAL B 116 -33.97 1.72 -7.60
CA VAL B 116 -33.64 3.13 -7.63
C VAL B 116 -34.27 3.90 -6.48
N ILE B 117 -33.47 4.77 -5.87
CA ILE B 117 -33.94 5.70 -4.85
C ILE B 117 -33.94 7.09 -5.42
N TYR B 118 -35.14 7.65 -5.61
CA TYR B 118 -35.25 9.04 -6.09
C TYR B 118 -35.33 10.01 -4.91
N LEU B 119 -34.40 10.93 -4.81
CA LEU B 119 -34.48 11.87 -3.76
C LEU B 119 -34.82 13.26 -4.29
N MET B 120 -35.91 13.78 -3.74
CA MET B 120 -36.57 14.98 -4.21
C MET B 120 -36.35 16.05 -3.13
N ARG B 121 -36.17 17.30 -3.54
CA ARG B 121 -36.01 18.36 -2.56
C ARG B 121 -36.72 19.65 -3.01
N ASN B 122 -37.20 20.46 -2.07
CA ASN B 122 -37.72 21.82 -2.40
C ASN B 122 -36.79 22.54 -3.37
N PRO B 123 -37.26 22.83 -4.61
CA PRO B 123 -36.36 23.46 -5.63
C PRO B 123 -35.90 24.86 -5.30
N ARG B 124 -36.60 25.54 -4.40
CA ARG B 124 -36.12 26.84 -3.86
C ARG B 124 -34.81 26.64 -3.08
N ASP B 125 -34.74 25.56 -2.31
CA ASP B 125 -33.55 25.16 -1.57
C ASP B 125 -32.48 24.62 -2.48
N VAL B 126 -32.88 23.86 -3.51
CA VAL B 126 -31.98 23.42 -4.57
C VAL B 126 -31.35 24.58 -5.33
N LEU B 127 -32.17 25.57 -5.66
CA LEU B 127 -31.72 26.77 -6.32
C LEU B 127 -30.60 27.43 -5.55
N VAL B 128 -30.85 27.71 -4.28
CA VAL B 128 -29.87 28.30 -3.37
C VAL B 128 -28.59 27.49 -3.23
N SER B 129 -28.74 26.17 -3.04
CA SER B 129 -27.58 25.29 -2.85
C SER B 129 -26.68 25.30 -4.06
N GLY B 130 -27.27 25.24 -5.23
CA GLY B 130 -26.51 25.32 -6.46
C GLY B 130 -25.89 26.67 -6.66
N TYR B 131 -26.65 27.72 -6.35
CA TYR B 131 -26.13 29.07 -6.54
C TYR B 131 -24.77 29.30 -5.91
N PHE B 132 -24.67 28.95 -4.62
CA PHE B 132 -23.42 29.04 -3.87
C PHE B 132 -22.35 28.01 -4.26
N PHE B 133 -22.77 26.78 -4.54
CA PHE B 133 -21.86 25.71 -4.98
C PHE B 133 -21.09 26.00 -6.25
N TRP B 134 -21.76 26.49 -7.28
CA TRP B 134 -21.15 26.58 -8.60
C TRP B 134 -19.98 27.56 -8.62
N LYS B 135 -19.95 28.46 -7.62
CA LYS B 135 -19.05 29.63 -7.61
C LYS B 135 -17.58 29.22 -7.63
N ASN B 136 -17.23 28.20 -6.85
CA ASN B 136 -15.85 27.73 -6.76
C ASN B 136 -15.38 26.80 -7.87
N MET B 137 -16.31 26.45 -8.78
CA MET B 137 -16.01 25.48 -9.83
C MET B 137 -15.55 26.18 -11.07
N LYS B 138 -14.36 25.78 -11.55
CA LYS B 138 -13.63 26.47 -12.63
C LYS B 138 -14.27 26.28 -14.01
N PHE B 139 -15.10 25.25 -14.16
CA PHE B 139 -15.55 24.85 -15.50
C PHE B 139 -17.03 25.06 -15.74
N ILE B 140 -17.71 25.65 -14.75
CA ILE B 140 -19.13 26.04 -14.89
C ILE B 140 -19.26 27.52 -15.27
N LYS B 141 -20.09 27.78 -16.29
CA LYS B 141 -20.57 29.14 -16.58
C LYS B 141 -21.29 29.74 -15.36
N LYS B 142 -20.72 30.83 -14.84
CA LYS B 142 -21.23 31.49 -13.63
C LYS B 142 -22.16 32.65 -14.01
N PRO B 143 -23.25 32.84 -13.21
CA PRO B 143 -24.23 33.93 -13.41
C PRO B 143 -23.67 35.29 -12.98
N LYS B 144 -24.18 36.37 -13.58
CA LYS B 144 -23.78 37.73 -13.22
C LYS B 144 -24.25 38.06 -11.80
N SER B 145 -25.35 37.43 -11.38
CA SER B 145 -26.03 37.83 -10.17
C SER B 145 -27.00 36.76 -9.64
N TRP B 146 -27.43 36.93 -8.40
CA TRP B 146 -28.45 36.12 -7.80
C TRP B 146 -29.64 36.08 -8.72
N GLU B 147 -30.08 37.26 -9.15
CA GLU B 147 -31.18 37.43 -10.10
C GLU B 147 -31.02 36.70 -11.42
N GLU B 148 -29.86 36.80 -12.08
CA GLU B 148 -29.64 36.07 -13.33
C GLU B 148 -29.76 34.54 -13.15
N TYR B 149 -29.08 34.00 -12.13
CA TYR B 149 -29.17 32.59 -11.78
C TYR B 149 -30.61 32.14 -11.42
N PHE B 150 -31.32 32.96 -10.66
CA PHE B 150 -32.73 32.69 -10.40
C PHE B 150 -33.51 32.49 -11.72
N GLU B 151 -33.23 33.34 -12.69
CA GLU B 151 -33.90 33.28 -13.96
C GLU B 151 -33.54 32.04 -14.77
N TRP B 152 -32.26 31.71 -14.84
CA TRP B 152 -31.80 30.46 -15.43
C TRP B 152 -32.48 29.22 -14.85
N PHE B 153 -32.57 29.15 -13.51
CA PHE B 153 -33.07 27.96 -12.83
C PHE B 153 -34.57 27.77 -13.14
N CYS B 154 -35.27 28.88 -13.28
CA CYS B 154 -36.70 28.87 -13.48
C CYS B 154 -37.03 28.44 -14.91
N GLN B 155 -36.13 28.78 -15.83
CA GLN B 155 -36.29 28.52 -17.24
C GLN B 155 -35.78 27.13 -17.55
N GLY B 156 -34.94 26.59 -16.67
CA GLY B 156 -34.39 25.25 -16.83
C GLY B 156 -33.06 25.24 -17.57
N THR B 157 -32.44 26.39 -17.73
CA THR B 157 -31.24 26.44 -18.55
C THR B 157 -30.02 26.32 -17.69
N VAL B 158 -30.03 25.30 -16.86
CA VAL B 158 -28.96 25.03 -15.91
C VAL B 158 -28.49 23.59 -16.17
N LEU B 159 -27.32 23.22 -15.65
CA LEU B 159 -26.83 21.82 -15.69
C LEU B 159 -27.96 20.89 -15.37
N TYR B 160 -28.19 19.92 -16.28
CA TYR B 160 -29.18 18.86 -16.11
C TYR B 160 -30.60 19.27 -16.35
N GLY B 161 -30.77 20.50 -16.81
CA GLY B 161 -32.04 20.97 -17.29
C GLY B 161 -33.00 21.34 -16.19
N SER B 162 -34.28 21.32 -16.52
CA SER B 162 -35.30 21.82 -15.66
C SER B 162 -35.52 20.86 -14.52
N TRP B 163 -35.69 21.40 -13.31
CA TRP B 163 -36.12 20.63 -12.14
C TRP B 163 -37.53 20.11 -12.39
N PHE B 164 -38.34 20.95 -13.03
CA PHE B 164 -39.75 20.66 -13.23
C PHE B 164 -39.82 19.47 -14.18
N ASP B 165 -39.03 19.50 -15.25
CA ASP B 165 -38.95 18.35 -16.17
C ASP B 165 -38.39 17.10 -15.54
N HIS B 166 -37.22 17.19 -14.90
CA HIS B 166 -36.67 16.05 -14.17
C HIS B 166 -37.72 15.33 -13.34
N ILE B 167 -38.42 16.10 -12.55
CA ILE B 167 -39.43 15.57 -11.63
C ILE B 167 -40.56 14.90 -12.37
N HIS B 168 -41.14 15.59 -13.37
CA HIS B 168 -42.20 15.02 -14.18
C HIS B 168 -41.86 13.66 -14.80
N GLY B 169 -40.62 13.55 -15.29
CA GLY B 169 -40.12 12.39 -15.99
C GLY B 169 -40.10 11.15 -15.12
N TRP B 170 -39.72 11.34 -13.85
CA TRP B 170 -39.44 10.23 -12.95
C TRP B 170 -40.61 9.82 -12.10
N MET B 171 -41.51 10.75 -11.85
CA MET B 171 -42.67 10.50 -10.98
C MET B 171 -43.56 9.32 -11.34
N PRO B 172 -43.80 9.08 -12.66
CA PRO B 172 -44.62 7.92 -13.09
C PRO B 172 -44.12 6.58 -12.55
N MET B 173 -42.86 6.52 -12.14
CA MET B 173 -42.22 5.31 -11.60
C MET B 173 -42.63 5.06 -10.16
N ARG B 174 -43.23 6.07 -9.51
CA ARG B 174 -43.41 6.05 -8.04
C ARG B 174 -44.28 4.88 -7.59
N GLU B 175 -44.90 4.22 -8.57
CA GLU B 175 -45.80 3.13 -8.31
C GLU B 175 -45.11 1.75 -8.48
N GLU B 176 -43.89 1.75 -9.02
CA GLU B 176 -43.11 0.53 -9.24
C GLU B 176 -42.47 0.04 -7.96
N LYS B 177 -42.45 -1.28 -7.81
CA LYS B 177 -41.90 -1.98 -6.64
C LYS B 177 -40.42 -1.67 -6.41
N ASN B 178 -39.66 -1.47 -7.49
CA ASN B 178 -38.24 -1.17 -7.39
C ASN B 178 -37.91 0.34 -7.42
N PHE B 179 -38.88 1.17 -7.04
CA PHE B 179 -38.73 2.64 -6.97
C PHE B 179 -39.06 3.15 -5.58
N LEU B 180 -38.10 3.84 -4.95
CA LEU B 180 -38.35 4.51 -3.67
C LEU B 180 -38.27 5.99 -3.84
N LEU B 181 -39.34 6.68 -3.50
CA LEU B 181 -39.35 8.14 -3.52
C LEU B 181 -39.12 8.77 -2.13
N LEU B 182 -38.05 9.57 -2.01
CA LEU B 182 -37.77 10.22 -0.75
C LEU B 182 -37.67 11.70 -0.98
N SER B 183 -37.76 12.47 0.12
CA SER B 183 -37.39 13.89 0.06
C SER B 183 -36.26 14.20 1.04
N TYR B 184 -35.42 15.16 0.69
CA TYR B 184 -34.45 15.72 1.65
C TYR B 184 -35.11 16.17 2.95
N GLU B 185 -36.34 16.68 2.84
CA GLU B 185 -37.03 17.21 3.99
C GLU B 185 -37.34 16.14 5.01
N GLU B 186 -37.82 14.99 4.56
CA GLU B 186 -38.13 13.88 5.47
C GLU B 186 -36.83 13.23 5.98
N LEU B 187 -35.84 13.12 5.10
CA LEU B 187 -34.54 12.60 5.47
C LEU B 187 -33.96 13.48 6.60
N LYS B 188 -34.19 14.78 6.54
CA LYS B 188 -33.59 15.70 7.52
C LYS B 188 -34.44 15.68 8.78
N GLN B 189 -35.74 15.74 8.61
CA GLN B 189 -36.69 15.81 9.73
C GLN B 189 -36.67 14.55 10.58
N ASP B 190 -36.73 13.38 9.95
CA ASP B 190 -36.56 12.08 10.68
C ASP B 190 -35.59 11.14 9.98
N THR B 191 -34.28 11.36 10.21
CA THR B 191 -33.27 10.55 9.58
C THR B 191 -33.32 9.07 9.88
N GLY B 192 -33.39 8.71 11.15
CA GLY B 192 -33.49 7.31 11.58
C GLY B 192 -34.61 6.57 10.91
N ARG B 193 -35.82 7.11 11.03
CA ARG B 193 -37.01 6.56 10.36
C ARG B 193 -36.88 6.49 8.83
N THR B 194 -36.23 7.47 8.22
CA THR B 194 -36.04 7.41 6.76
C THR B 194 -35.12 6.24 6.40
N ILE B 195 -34.03 6.10 7.16
CA ILE B 195 -33.09 5.01 6.99
C ILE B 195 -33.81 3.67 7.12
N GLU B 196 -34.70 3.58 8.08
CA GLU B 196 -35.49 2.34 8.26
C GLU B 196 -36.40 2.06 7.07
N LYS B 197 -36.91 3.11 6.47
CA LYS B 197 -37.70 3.01 5.26
C LYS B 197 -36.88 2.50 4.04
N ILE B 198 -35.65 2.99 3.90
CA ILE B 198 -34.73 2.51 2.91
C ILE B 198 -34.42 1.02 3.15
N CYS B 199 -34.17 0.63 4.41
CA CYS B 199 -33.87 -0.77 4.75
C CYS B 199 -34.98 -1.71 4.25
N GLN B 200 -36.21 -1.40 4.60
CA GLN B 200 -37.33 -2.21 4.19
C GLN B 200 -37.43 -2.27 2.69
N PHE B 201 -37.06 -1.17 2.02
CA PHE B 201 -37.07 -1.11 0.57
C PHE B 201 -36.02 -2.02 0.00
N LEU B 202 -34.83 -2.00 0.61
CA LEU B 202 -33.69 -2.69 0.06
C LEU B 202 -33.62 -4.15 0.53
N GLY B 203 -34.54 -4.53 1.39
CA GLY B 203 -34.65 -5.89 1.86
C GLY B 203 -33.69 -6.20 2.98
N LYS B 204 -33.28 -5.16 3.70
CA LYS B 204 -32.24 -5.31 4.77
C LYS B 204 -32.77 -5.08 6.20
N THR B 205 -32.03 -5.57 7.19
CA THR B 205 -32.31 -5.26 8.58
C THR B 205 -31.05 -4.69 9.16
N LEU B 206 -31.21 -3.84 10.18
CA LEU B 206 -30.09 -3.29 10.94
C LEU B 206 -30.39 -3.51 12.42
N GLU B 207 -29.37 -3.79 13.21
CA GLU B 207 -29.55 -3.79 14.67
C GLU B 207 -29.51 -2.36 15.19
N PRO B 208 -30.24 -2.08 16.31
CA PRO B 208 -30.28 -0.71 16.87
C PRO B 208 -28.90 -0.02 16.92
N GLU B 209 -27.89 -0.76 17.36
CA GLU B 209 -26.52 -0.23 17.50
C GLU B 209 -25.94 0.21 16.15
N GLU B 210 -26.31 -0.50 15.09
CA GLU B 210 -25.84 -0.23 13.72
C GLU B 210 -26.49 1.01 13.17
N LEU B 211 -27.80 1.13 13.37
CA LEU B 211 -28.50 2.34 12.98
C LEU B 211 -27.86 3.54 13.66
N ASN B 212 -27.66 3.45 14.98
CA ASN B 212 -27.13 4.54 15.74
C ASN B 212 -25.77 5.00 15.19
N LEU B 213 -24.98 4.07 14.71
CA LEU B 213 -23.65 4.40 14.10
C LEU B 213 -23.76 5.03 12.74
N ILE B 214 -24.77 4.64 11.97
CA ILE B 214 -25.03 5.26 10.67
C ILE B 214 -25.51 6.70 10.89
N LEU B 215 -26.47 6.88 11.79
CA LEU B 215 -26.85 8.22 12.23
C LEU B 215 -25.66 9.02 12.69
N LYS B 216 -24.83 8.44 13.56
CA LYS B 216 -23.64 9.17 14.02
C LYS B 216 -22.73 9.59 12.85
N ASN B 217 -22.46 8.63 11.96
CA ASN B 217 -21.41 8.77 10.95
C ASN B 217 -21.82 9.42 9.63
N SER B 218 -23.14 9.57 9.43
CA SER B 218 -23.68 10.28 8.27
C SER B 218 -24.14 11.71 8.61
N SER B 219 -23.76 12.19 9.80
CA SER B 219 -24.09 13.55 10.23
C SER B 219 -23.38 14.60 9.36
N PHE B 220 -23.95 15.79 9.28
CA PHE B 220 -23.39 16.89 8.49
C PHE B 220 -21.94 17.13 8.89
N GLN B 221 -21.69 17.14 10.20
CA GLN B 221 -20.36 17.36 10.77
C GLN B 221 -19.34 16.23 10.48
N SER B 222 -19.75 14.97 10.68
CA SER B 222 -18.89 13.85 10.29
C SER B 222 -18.50 13.99 8.83
N MET B 223 -19.48 14.22 7.96
CA MET B 223 -19.18 14.39 6.52
C MET B 223 -18.30 15.60 6.22
N LYS B 224 -18.58 16.73 6.88
CA LYS B 224 -17.73 17.93 6.73
C LYS B 224 -16.31 17.63 7.16
N GLU B 225 -16.17 16.82 8.21
CA GLU B 225 -14.81 16.47 8.70
C GLU B 225 -14.11 15.38 7.87
N ASN B 226 -14.87 14.59 7.10
CA ASN B 226 -14.29 13.46 6.34
C ASN B 226 -13.64 13.88 4.99
N LYS B 227 -12.32 13.75 4.89
CA LYS B 227 -11.60 14.16 3.69
C LYS B 227 -12.17 13.50 2.42
N MET B 228 -12.71 12.30 2.56
CA MET B 228 -13.22 11.55 1.39
C MET B 228 -14.57 12.10 0.88
N SER B 229 -15.35 12.66 1.80
CA SER B 229 -16.76 13.00 1.55
C SER B 229 -17.05 14.49 1.27
N ASN B 230 -16.07 15.36 1.52
CA ASN B 230 -16.36 16.79 1.54
C ASN B 230 -15.78 17.63 0.38
N TYR B 231 -15.23 16.94 -0.62
CA TYR B 231 -14.81 17.49 -1.88
C TYR B 231 -13.46 18.18 -1.79
N SER B 232 -12.83 18.06 -0.63
CA SER B 232 -11.56 18.68 -0.39
C SER B 232 -10.46 18.05 -1.23
N LEU B 233 -10.71 16.84 -1.73
CA LEU B 233 -9.75 16.14 -2.57
C LEU B 233 -9.84 16.51 -4.05
N LEU B 234 -10.95 17.11 -4.49
CA LEU B 234 -11.07 17.58 -5.89
C LEU B 234 -9.79 18.26 -6.35
N SER B 235 -9.28 17.81 -7.49
CA SER B 235 -8.11 18.41 -8.15
C SER B 235 -8.30 19.94 -8.34
N VAL B 236 -7.23 20.71 -8.20
CA VAL B 236 -7.31 22.16 -8.41
C VAL B 236 -7.47 22.51 -9.90
N ASP B 237 -7.47 21.47 -10.76
CA ASP B 237 -7.84 21.59 -12.17
C ASP B 237 -9.38 21.53 -12.35
N TYR B 238 -10.09 21.60 -11.22
CA TYR B 238 -11.55 21.54 -11.20
C TYR B 238 -12.15 22.76 -10.45
N VAL B 239 -11.47 23.24 -9.41
CA VAL B 239 -12.05 24.22 -8.46
C VAL B 239 -11.10 25.35 -8.04
N VAL B 240 -11.65 26.53 -7.79
CA VAL B 240 -10.96 27.57 -7.00
C VAL B 240 -11.20 27.32 -5.49
N ASP B 241 -10.35 27.87 -4.63
CA ASP B 241 -10.43 27.61 -3.18
C ASP B 241 -10.67 26.10 -2.87
N LYS B 242 -11.66 25.80 -2.03
CA LYS B 242 -12.04 24.42 -1.73
C LYS B 242 -13.57 24.17 -1.89
N ALA B 243 -13.96 22.92 -1.58
CA ALA B 243 -15.38 22.52 -1.32
C ALA B 243 -16.33 23.06 -2.36
N GLN B 244 -17.43 23.78 -1.99
CA GLN B 244 -18.06 23.81 -0.66
C GLN B 244 -19.34 22.97 -0.63
N LEU B 245 -19.19 21.67 -0.56
CA LEU B 245 -20.31 20.79 -0.71
C LEU B 245 -21.22 20.91 0.51
N LEU B 246 -20.56 20.95 1.67
CA LEU B 246 -21.20 21.02 2.97
C LEU B 246 -21.34 22.47 3.40
N ARG B 247 -22.46 23.08 2.99
CA ARG B 247 -22.74 24.50 3.18
C ARG B 247 -23.52 24.75 4.48
N LYS B 248 -24.79 24.39 4.52
CA LYS B 248 -25.61 24.70 5.67
C LYS B 248 -26.31 23.46 6.20
N GLY B 249 -26.84 22.65 5.32
CA GLY B 249 -27.30 21.34 5.71
C GLY B 249 -28.64 21.34 6.35
N VAL B 250 -29.46 22.33 6.02
CA VAL B 250 -30.88 22.35 6.51
C VAL B 250 -31.79 22.60 5.33
N SER B 251 -33.08 22.32 5.52
CA SER B 251 -34.06 22.85 4.62
C SER B 251 -34.58 24.22 5.10
N GLY B 252 -35.07 25.02 4.17
CA GLY B 252 -35.75 26.23 4.52
C GLY B 252 -34.88 27.42 4.37
N ASP B 253 -33.65 27.22 3.90
CA ASP B 253 -32.71 28.34 3.78
C ASP B 253 -33.06 29.28 2.63
N TRP B 254 -33.80 28.81 1.65
CA TRP B 254 -34.22 29.65 0.58
C TRP B 254 -34.90 30.94 1.11
N LYS B 255 -35.59 30.87 2.26
CA LYS B 255 -36.23 32.08 2.81
C LYS B 255 -35.19 33.19 3.09
N ASN B 256 -33.93 32.81 3.27
CA ASN B 256 -32.92 33.80 3.61
C ASN B 256 -32.39 34.51 2.39
N HIS B 257 -32.79 34.05 1.21
CA HIS B 257 -32.22 34.56 -0.04
C HIS B 257 -33.26 35.09 -1.04
N PHE B 258 -34.40 34.41 -1.16
CA PHE B 258 -35.52 34.89 -2.01
C PHE B 258 -36.07 36.20 -1.43
N THR B 259 -36.21 37.23 -2.28
CA THR B 259 -37.03 38.40 -1.91
C THR B 259 -38.49 37.95 -1.95
N VAL B 260 -39.39 38.71 -1.30
CA VAL B 260 -40.85 38.35 -1.32
C VAL B 260 -41.43 38.29 -2.75
N ALA B 261 -41.00 39.22 -3.57
CA ALA B 261 -41.34 39.22 -4.98
C ALA B 261 -40.89 37.94 -5.72
N GLN B 262 -39.68 37.44 -5.43
CA GLN B 262 -39.25 36.15 -5.99
C GLN B 262 -40.09 34.98 -5.47
N ALA B 263 -40.31 34.90 -4.17
CA ALA B 263 -41.18 33.87 -3.64
C ALA B 263 -42.50 33.84 -4.35
N GLU B 264 -43.09 35.01 -4.61
CA GLU B 264 -44.43 35.05 -5.26
C GLU B 264 -44.33 34.57 -6.69
N ASP B 265 -43.29 34.98 -7.43
CA ASP B 265 -43.08 34.52 -8.79
C ASP B 265 -42.82 33.03 -8.87
N PHE B 266 -41.94 32.53 -7.99
CA PHE B 266 -41.69 31.08 -7.92
C PHE B 266 -42.95 30.29 -7.55
N ASP B 267 -43.69 30.76 -6.57
CA ASP B 267 -44.97 30.07 -6.23
C ASP B 267 -45.90 29.92 -7.45
N LYS B 268 -46.19 31.03 -8.12
CA LYS B 268 -46.89 31.05 -9.38
C LYS B 268 -46.36 30.01 -10.38
N LEU B 269 -45.05 29.99 -10.60
CA LEU B 269 -44.45 29.07 -11.56
C LEU B 269 -44.57 27.61 -11.12
N PHE B 270 -44.28 27.36 -9.85
CA PHE B 270 -44.35 26.01 -9.35
C PHE B 270 -45.77 25.51 -9.45
N GLN B 271 -46.72 26.41 -9.19
CA GLN B 271 -48.13 26.06 -9.25
C GLN B 271 -48.59 25.76 -10.68
N GLU B 272 -48.08 26.53 -11.64
CA GLU B 272 -48.41 26.30 -13.04
C GLU B 272 -47.78 25.00 -13.59
N LYS B 273 -46.60 24.63 -13.08
CA LYS B 273 -45.87 23.48 -13.62
C LYS B 273 -46.26 22.16 -12.98
N MET B 274 -46.64 22.18 -11.70
CA MET B 274 -46.82 20.93 -10.94
C MET B 274 -48.29 20.57 -10.74
N ALA B 275 -49.15 21.21 -11.54
CA ALA B 275 -50.59 21.17 -11.39
C ALA B 275 -51.14 19.78 -11.69
N ASP B 276 -50.52 19.10 -12.65
CA ASP B 276 -50.94 17.77 -13.06
C ASP B 276 -50.46 16.65 -12.14
N LEU B 277 -49.75 17.02 -11.07
CA LEU B 277 -49.26 16.07 -10.06
C LEU B 277 -49.91 16.33 -8.70
N PRO B 278 -50.20 15.28 -7.92
CA PRO B 278 -50.84 15.52 -6.62
C PRO B 278 -49.94 16.30 -5.68
N ARG B 279 -50.49 17.32 -5.02
CA ARG B 279 -49.69 18.21 -4.17
C ARG B 279 -49.13 17.51 -2.92
N GLU B 280 -49.82 16.47 -2.45
CA GLU B 280 -49.37 15.67 -1.30
C GLU B 280 -47.99 15.07 -1.55
N LEU B 281 -47.56 15.13 -2.81
CA LEU B 281 -46.33 14.51 -3.26
C LEU B 281 -45.12 15.35 -2.90
N PHE B 282 -45.34 16.64 -2.63
CA PHE B 282 -44.28 17.57 -2.33
C PHE B 282 -44.40 18.13 -0.92
N PRO B 283 -43.62 17.59 0.05
CA PRO B 283 -43.74 17.91 1.47
C PRO B 283 -43.19 19.29 1.85
N TRP B 284 -43.64 20.32 1.16
CA TRP B 284 -43.37 21.70 1.48
C TRP B 284 -44.62 22.38 0.90
N GLU B 285 -45.10 23.53 1.42
CA GLU B 285 -44.31 24.61 2.02
C GLU B 285 -44.12 25.68 0.94
N ASP C 4 34.21 17.88 5.42
CA ASP C 4 33.60 18.04 6.79
C ASP C 4 33.03 16.73 7.34
N PHE C 5 32.17 16.08 6.55
CA PHE C 5 31.69 14.73 6.87
C PHE C 5 31.96 13.75 5.72
N LEU C 6 31.89 12.46 6.03
CA LEU C 6 31.72 11.41 5.02
C LEU C 6 30.23 11.12 4.86
N TRP C 7 29.71 11.32 3.65
CA TRP C 7 28.30 11.08 3.39
C TRP C 7 28.13 9.73 2.76
N PHE C 8 27.25 8.94 3.38
CA PHE C 8 26.92 7.61 2.92
C PHE C 8 25.46 7.34 3.24
N GLU C 9 24.69 6.91 2.23
CA GLU C 9 23.21 6.85 2.26
C GLU C 9 22.53 7.98 3.00
N GLY C 10 22.90 9.23 2.69
CA GLY C 10 22.23 10.41 3.27
C GLY C 10 22.57 10.69 4.74
N ILE C 11 23.57 9.95 5.27
CA ILE C 11 23.97 10.08 6.70
C ILE C 11 25.42 10.51 6.79
N ALA C 12 25.67 11.50 7.65
CA ALA C 12 27.05 11.96 7.97
C ALA C 12 27.81 10.99 8.92
N PHE C 13 29.05 10.73 8.59
CA PHE C 13 29.96 9.93 9.40
C PHE C 13 31.21 10.76 9.65
N PRO C 14 31.97 10.39 10.68
CA PRO C 14 33.25 11.11 10.90
C PRO C 14 34.22 10.96 9.70
N THR C 15 35.06 11.99 9.46
CA THR C 15 36.08 11.95 8.39
C THR C 15 37.25 11.01 8.72
N MET C 16 37.36 10.59 9.98
CA MET C 16 38.35 9.60 10.40
C MET C 16 37.71 8.29 10.85
N GLY C 17 38.36 7.17 10.50
CA GLY C 17 38.00 5.84 11.01
C GLY C 17 36.93 5.14 10.21
N PHE C 18 36.48 5.79 9.14
CA PHE C 18 35.30 5.30 8.38
C PHE C 18 35.53 5.34 6.87
N ARG C 19 34.94 4.37 6.16
CA ARG C 19 35.06 4.29 4.68
C ARG C 19 33.79 3.73 4.06
N SER C 20 33.39 4.34 2.94
CA SER C 20 32.15 3.98 2.28
C SER C 20 32.08 2.49 1.99
N GLU C 21 33.12 1.97 1.36
CA GLU C 21 33.14 0.54 1.00
C GLU C 21 32.98 -0.40 2.21
N THR C 22 33.56 -0.01 3.35
CA THR C 22 33.33 -0.73 4.60
C THR C 22 31.86 -0.58 5.08
N LEU C 23 31.32 0.64 4.99
CA LEU C 23 29.92 0.92 5.41
C LEU C 23 28.91 0.08 4.63
N ARG C 24 29.25 -0.19 3.37
CA ARG C 24 28.44 -1.02 2.47
C ARG C 24 28.50 -2.48 2.95
N LYS C 25 29.72 -2.98 3.14
CA LYS C 25 29.93 -4.37 3.59
C LYS C 25 29.29 -4.58 4.97
N VAL C 26 29.32 -3.53 5.80
CA VAL C 26 28.59 -3.53 7.05
C VAL C 26 27.10 -3.85 6.85
N ARG C 27 26.46 -3.19 5.88
CA ARG C 27 25.00 -3.42 5.59
C ARG C 27 24.69 -4.87 5.09
N ASP C 28 25.42 -5.31 4.06
CA ASP C 28 25.06 -6.55 3.35
C ASP C 28 25.97 -7.74 3.60
N GLU C 29 27.22 -7.50 3.96
CA GLU C 29 28.16 -8.63 4.11
C GLU C 29 28.46 -9.10 5.56
N PHE C 30 28.52 -8.16 6.51
CA PHE C 30 28.82 -8.50 7.92
C PHE C 30 27.85 -9.58 8.52
N VAL C 31 28.45 -10.62 9.11
CA VAL C 31 27.69 -11.74 9.65
C VAL C 31 27.42 -11.55 11.16
N ILE C 32 26.14 -11.49 11.50
CA ILE C 32 25.69 -11.42 12.88
C ILE C 32 25.49 -12.84 13.40
N ARG C 33 26.14 -13.19 14.51
CA ARG C 33 25.93 -14.50 15.13
C ARG C 33 24.80 -14.36 16.14
N ASP C 34 24.06 -15.43 16.38
CA ASP C 34 22.93 -15.40 17.35
C ASP C 34 23.41 -15.08 18.78
N GLU C 35 24.68 -15.36 19.06
CA GLU C 35 25.28 -15.11 20.36
C GLU C 35 25.76 -13.65 20.59
N ASP C 36 25.57 -12.75 19.59
CA ASP C 36 26.05 -11.34 19.73
C ASP C 36 25.16 -10.59 20.69
N VAL C 37 25.75 -9.68 21.46
CA VAL C 37 24.99 -8.68 22.20
C VAL C 37 25.35 -7.29 21.70
N ILE C 38 24.32 -6.54 21.30
CA ILE C 38 24.54 -5.28 20.53
C ILE C 38 23.86 -4.08 21.20
N ILE C 39 24.66 -3.05 21.45
CA ILE C 39 24.17 -1.73 21.93
C ILE C 39 23.81 -0.84 20.78
N LEU C 40 22.57 -0.43 20.73
CA LEU C 40 22.12 0.52 19.70
C LEU C 40 21.77 1.84 20.32
N THR C 41 22.57 2.86 20.03
CA THR C 41 22.28 4.21 20.46
C THR C 41 22.47 5.25 19.33
N TYR C 42 21.73 6.34 19.44
CA TYR C 42 22.04 7.56 18.80
C TYR C 42 23.18 8.13 19.62
N PRO C 43 24.14 8.76 18.97
CA PRO C 43 25.35 9.16 19.69
C PRO C 43 25.06 10.12 20.83
N LYS C 44 25.78 9.93 21.95
CA LYS C 44 25.64 10.78 23.20
C LYS C 44 24.38 10.43 24.04
N SER C 45 23.92 9.19 23.90
CA SER C 45 22.75 8.71 24.68
C SER C 45 23.10 7.82 25.90
N GLY C 46 24.39 7.67 26.20
CA GLY C 46 24.80 6.74 27.25
C GLY C 46 25.46 5.44 26.73
N THR C 47 26.16 5.52 25.56
CA THR C 47 26.70 4.32 24.89
C THR C 47 27.66 3.59 25.80
N ASN C 48 28.71 4.34 26.18
CA ASN C 48 29.85 3.87 26.98
C ASN C 48 29.43 3.43 28.39
N TRP C 49 28.53 4.18 29.02
CA TRP C 49 27.85 3.70 30.26
C TRP C 49 27.27 2.26 30.18
N LEU C 50 26.48 2.02 29.15
CA LEU C 50 25.88 0.71 28.95
C LEU C 50 26.97 -0.34 28.61
N ALA C 51 27.99 0.04 27.82
CA ALA C 51 29.07 -0.84 27.55
C ALA C 51 29.79 -1.20 28.82
N GLU C 52 29.97 -0.24 29.73
CA GLU C 52 30.66 -0.51 30.97
C GLU C 52 29.86 -1.47 31.84
N ILE C 53 28.57 -1.20 32.00
CA ILE C 53 27.64 -2.11 32.67
C ILE C 53 27.68 -3.49 32.10
N LEU C 54 27.62 -3.58 30.77
CA LEU C 54 27.62 -4.85 30.08
C LEU C 54 28.89 -5.68 30.31
N CYS C 55 30.05 -5.05 30.17
CA CYS C 55 31.30 -5.71 30.52
C CYS C 55 31.31 -6.22 31.99
N LEU C 56 30.71 -5.44 32.87
CA LEU C 56 30.63 -5.75 34.30
C LEU C 56 29.63 -6.90 34.63
N MET C 57 28.52 -6.96 33.93
CA MET C 57 27.63 -8.11 34.10
C MET C 57 28.34 -9.39 33.63
N HIS C 58 29.11 -9.26 32.54
CA HIS C 58 29.84 -10.36 31.97
C HIS C 58 30.91 -10.91 32.91
N SER C 59 31.53 -10.02 33.72
CA SER C 59 32.59 -10.43 34.69
C SER C 59 32.06 -10.51 36.14
N LYS C 60 30.73 -10.49 36.28
CA LYS C 60 30.06 -10.45 37.57
C LYS C 60 30.68 -9.42 38.55
N GLY C 61 30.96 -8.21 38.03
CA GLY C 61 31.30 -7.04 38.85
C GLY C 61 32.79 -6.77 38.96
N ASP C 62 33.60 -7.71 38.45
CA ASP C 62 35.09 -7.70 38.55
C ASP C 62 35.74 -6.72 37.56
N ALA C 63 36.38 -5.69 38.08
CA ALA C 63 36.90 -4.61 37.23
C ALA C 63 38.15 -5.01 36.40
N LYS C 64 38.63 -6.24 36.56
CA LYS C 64 39.92 -6.63 35.98
C LYS C 64 40.05 -6.24 34.54
N TRP C 65 39.05 -6.59 33.73
CA TRP C 65 39.15 -6.40 32.28
C TRP C 65 38.78 -5.02 31.80
N ILE C 66 37.90 -4.30 32.53
CA ILE C 66 37.55 -2.90 32.14
C ILE C 66 38.64 -1.94 32.50
N GLN C 67 39.61 -2.39 33.30
CA GLN C 67 40.74 -1.52 33.66
C GLN C 67 42.01 -1.83 32.91
N SER C 68 41.96 -2.88 32.07
CA SER C 68 43.14 -3.33 31.28
C SER C 68 42.92 -3.28 29.74
N VAL C 69 41.65 -3.21 29.33
CA VAL C 69 41.30 -3.15 27.91
C VAL C 69 40.44 -1.90 27.69
N PRO C 70 40.89 -1.01 26.74
CA PRO C 70 40.16 0.24 26.49
C PRO C 70 38.75 -0.06 26.06
N ILE C 71 37.83 0.79 26.47
CA ILE C 71 36.40 0.58 26.28
C ILE C 71 35.99 0.30 24.78
N TRP C 72 36.61 1.00 23.83
CA TRP C 72 36.22 0.87 22.42
C TRP C 72 36.69 -0.44 21.75
N GLU C 73 37.43 -1.24 22.50
CA GLU C 73 37.80 -2.58 22.07
C GLU C 73 36.91 -3.61 22.74
N ARG C 74 36.41 -3.28 23.91
CA ARG C 74 35.50 -4.18 24.62
C ARG C 74 34.13 -4.13 23.96
N SER C 75 33.73 -2.92 23.52
CA SER C 75 32.56 -2.73 22.64
C SER C 75 32.88 -1.83 21.41
N PRO C 76 33.49 -2.42 20.35
CA PRO C 76 33.85 -1.65 19.14
C PRO C 76 32.61 -1.22 18.37
N TRP C 77 32.82 -0.21 17.54
CA TRP C 77 31.80 0.23 16.60
C TRP C 77 31.90 -0.64 15.38
N VAL C 78 30.83 -1.39 15.10
CA VAL C 78 30.79 -2.27 13.93
C VAL C 78 31.03 -1.47 12.62
N GLU C 79 30.49 -0.23 12.56
CA GLU C 79 30.57 0.60 11.35
C GLU C 79 31.99 1.14 11.10
N SER C 80 32.78 1.25 12.17
CA SER C 80 34.16 1.71 12.01
C SER C 80 34.94 0.63 11.30
N GLU C 81 36.06 1.03 10.70
CA GLU C 81 36.92 0.11 9.97
C GLU C 81 37.61 -0.88 10.91
N ILE C 82 38.14 -0.33 12.03
CA ILE C 82 38.82 -1.13 13.03
C ILE C 82 37.82 -2.10 13.63
N GLY C 83 36.65 -1.57 13.96
CA GLY C 83 35.56 -2.39 14.50
C GLY C 83 35.13 -3.50 13.56
N TYR C 84 34.82 -3.12 12.32
CA TYR C 84 34.37 -4.08 11.32
C TYR C 84 35.40 -5.22 11.17
N THR C 85 36.67 -4.84 11.15
CA THR C 85 37.75 -5.80 10.95
C THR C 85 37.85 -6.72 12.17
N ALA C 86 37.99 -6.12 13.35
CA ALA C 86 38.30 -6.83 14.58
C ALA C 86 37.19 -7.80 14.96
N LEU C 87 35.95 -7.40 14.73
CA LEU C 87 34.80 -8.24 15.08
C LEU C 87 34.74 -9.61 14.34
N SER C 88 35.21 -9.65 13.09
CA SER C 88 35.22 -10.89 12.30
C SER C 88 36.17 -11.90 12.90
N GLU C 89 37.18 -11.38 13.61
CA GLU C 89 38.24 -12.17 14.24
C GLU C 89 37.93 -12.51 15.71
N THR C 90 36.77 -12.13 16.20
CA THR C 90 36.48 -12.27 17.61
C THR C 90 35.56 -13.48 17.82
N GLU C 91 35.95 -14.34 18.78
CA GLU C 91 35.11 -15.48 19.19
C GLU C 91 33.92 -14.97 19.96
N SER C 92 32.81 -15.71 19.91
CA SER C 92 31.67 -15.43 20.76
C SER C 92 31.96 -15.61 22.28
N PRO C 93 31.17 -14.95 23.14
CA PRO C 93 30.10 -14.03 22.77
C PRO C 93 30.65 -12.66 22.50
N ARG C 94 30.22 -12.03 21.41
CA ARG C 94 30.74 -10.71 21.04
C ARG C 94 29.88 -9.63 21.64
N LEU C 95 30.50 -8.63 22.21
CA LEU C 95 29.75 -7.41 22.51
C LEU C 95 30.25 -6.36 21.61
N PHE C 96 29.33 -5.54 21.09
CA PHE C 96 29.74 -4.39 20.30
C PHE C 96 28.64 -3.35 20.22
N SER C 97 28.99 -2.21 19.62
CA SER C 97 28.12 -1.00 19.60
C SER C 97 27.90 -0.51 18.20
N SER C 98 26.81 0.23 18.02
CA SER C 98 26.51 0.86 16.74
C SER C 98 25.61 2.10 16.94
N HIS C 99 25.83 3.14 16.14
CA HIS C 99 24.88 4.28 16.05
C HIS C 99 24.12 4.30 14.69
N LEU C 100 24.30 3.22 13.90
CA LEU C 100 23.55 3.05 12.64
C LEU C 100 22.00 3.10 12.79
N PRO C 101 21.31 3.89 11.91
CA PRO C 101 19.83 3.76 11.73
C PRO C 101 19.47 2.37 11.19
N ILE C 102 18.24 1.89 11.45
CA ILE C 102 17.87 0.51 11.10
C ILE C 102 18.26 0.11 9.65
N GLN C 103 18.25 1.09 8.74
CA GLN C 103 18.45 0.81 7.31
C GLN C 103 19.92 0.62 6.93
N LEU C 104 20.83 1.01 7.83
CA LEU C 104 22.26 0.84 7.57
C LEU C 104 22.85 -0.38 8.35
N PHE C 105 22.01 -1.03 9.15
CA PHE C 105 22.46 -2.05 10.07
C PHE C 105 22.62 -3.37 9.33
N PRO C 106 23.64 -4.19 9.71
CA PRO C 106 23.77 -5.49 9.03
C PRO C 106 22.41 -6.17 8.76
N LYS C 107 22.07 -6.31 7.49
CA LYS C 107 20.85 -7.00 7.08
C LYS C 107 20.81 -8.45 7.68
N SER C 108 22.00 -8.99 7.88
CA SER C 108 22.22 -10.30 8.47
C SER C 108 21.65 -10.44 9.88
N PHE C 109 21.31 -9.32 10.51
CA PHE C 109 20.76 -9.33 11.86
C PHE C 109 19.31 -9.77 11.87
N PHE C 110 18.59 -9.40 10.82
CA PHE C 110 17.14 -9.55 10.83
C PHE C 110 16.68 -11.01 10.68
N SER C 111 17.55 -11.87 10.15
CA SER C 111 17.36 -13.32 10.20
C SER C 111 18.11 -14.00 11.39
N SER C 112 18.43 -13.22 12.42
CA SER C 112 19.17 -13.73 13.60
C SER C 112 18.39 -13.60 14.90
N LYS C 113 18.88 -14.34 15.91
CA LYS C 113 18.36 -14.27 17.26
C LYS C 113 19.28 -13.40 18.17
N ALA C 114 20.29 -12.76 17.57
CA ALA C 114 21.15 -11.79 18.29
C ALA C 114 20.29 -10.79 19.08
N LYS C 115 20.78 -10.44 20.29
CA LYS C 115 20.04 -9.53 21.16
C LYS C 115 20.60 -8.14 21.05
N VAL C 116 19.69 -7.20 20.78
CA VAL C 116 20.03 -5.76 20.81
C VAL C 116 19.34 -5.06 21.93
N ILE C 117 20.12 -4.17 22.55
CA ILE C 117 19.64 -3.19 23.52
C ILE C 117 19.71 -1.79 22.92
N TYR C 118 18.55 -1.22 22.70
CA TYR C 118 18.45 0.16 22.23
C TYR C 118 18.22 1.07 23.40
N LEU C 119 19.18 1.95 23.61
CA LEU C 119 19.10 2.93 24.66
C LEU C 119 18.82 4.29 24.09
N MET C 120 17.70 4.87 24.50
CA MET C 120 17.37 6.25 24.11
C MET C 120 17.58 7.20 25.24
N ARG C 121 17.57 8.49 24.94
CA ARG C 121 17.80 9.53 25.94
C ARG C 121 17.08 10.77 25.45
N ASN C 122 16.76 11.68 26.34
CA ASN C 122 16.12 12.92 25.98
C ASN C 122 16.98 13.59 24.96
N PRO C 123 16.41 13.91 23.75
CA PRO C 123 17.22 14.57 22.69
C PRO C 123 17.77 15.97 23.04
N ARG C 124 17.10 16.68 23.95
CA ARG C 124 17.65 17.92 24.52
C ARG C 124 18.93 17.67 25.34
N ASP C 125 18.91 16.64 26.21
CA ASP C 125 20.15 16.21 26.91
C ASP C 125 21.22 15.70 25.95
N VAL C 126 20.79 14.93 24.94
CA VAL C 126 21.68 14.43 23.90
C VAL C 126 22.25 15.60 23.14
N LEU C 127 21.37 16.54 22.77
CA LEU C 127 21.79 17.73 22.08
C LEU C 127 22.95 18.36 22.82
N VAL C 128 22.76 18.58 24.13
CA VAL C 128 23.76 19.27 25.00
C VAL C 128 25.01 18.44 25.18
N SER C 129 24.86 17.17 25.55
CA SER C 129 26.01 16.26 25.66
C SER C 129 26.91 16.37 24.44
N GLY C 130 26.31 16.28 23.26
CA GLY C 130 27.04 16.35 21.99
C GLY C 130 27.72 17.68 21.75
N TYR C 131 26.99 18.78 22.00
CA TYR C 131 27.49 20.10 21.80
C TYR C 131 28.83 20.31 22.53
N PHE C 132 28.86 20.02 23.83
CA PHE C 132 30.12 20.11 24.57
C PHE C 132 31.20 19.07 24.13
N PHE C 133 30.76 17.87 23.71
CA PHE C 133 31.73 16.80 23.38
C PHE C 133 32.62 17.06 22.13
N TRP C 134 32.05 17.70 21.10
CA TRP C 134 32.69 17.77 19.79
C TRP C 134 33.88 18.75 19.73
N LYS C 135 34.01 19.59 20.77
CA LYS C 135 34.94 20.73 20.77
C LYS C 135 36.40 20.29 20.66
N ASN C 136 36.80 19.37 21.55
CA ASN C 136 38.15 18.82 21.55
C ASN C 136 38.43 17.88 20.40
N MET C 137 37.37 17.48 19.70
CA MET C 137 37.52 16.53 18.62
C MET C 137 37.98 17.20 17.32
N LYS C 138 39.23 16.86 16.93
CA LYS C 138 39.88 17.39 15.72
C LYS C 138 39.20 16.96 14.41
N PHE C 139 38.63 15.75 14.40
CA PHE C 139 37.98 15.16 13.22
C PHE C 139 36.76 15.95 12.70
N ILE C 140 36.15 16.77 13.56
CA ILE C 140 34.72 17.13 13.44
C ILE C 140 34.47 18.61 13.13
N LYS C 141 33.50 18.87 12.23
CA LYS C 141 33.04 20.23 11.88
C LYS C 141 32.24 20.86 13.01
N LYS C 142 32.83 21.91 13.60
CA LYS C 142 32.29 22.53 14.81
C LYS C 142 31.48 23.80 14.51
N PRO C 143 30.34 24.01 15.22
CA PRO C 143 29.45 25.13 14.90
C PRO C 143 30.01 26.47 15.38
N LYS C 144 29.60 27.57 14.73
CA LYS C 144 29.94 28.94 15.19
C LYS C 144 29.46 29.23 16.61
N SER C 145 28.35 28.59 17.01
CA SER C 145 27.61 28.97 18.21
C SER C 145 26.70 27.88 18.71
N TRP C 146 26.28 28.00 19.96
CA TRP C 146 25.20 27.20 20.55
C TRP C 146 23.98 27.15 19.60
N GLU C 147 23.47 28.32 19.20
CA GLU C 147 22.29 28.41 18.35
C GLU C 147 22.42 27.78 16.96
N GLU C 148 23.59 27.87 16.33
CA GLU C 148 23.77 27.16 15.08
C GLU C 148 23.63 25.68 15.36
N TYR C 149 24.39 25.17 16.33
CA TYR C 149 24.37 23.75 16.68
C TYR C 149 22.95 23.30 16.96
N PHE C 150 22.22 24.08 17.75
CA PHE C 150 20.83 23.80 18.00
C PHE C 150 20.07 23.56 16.68
N GLU C 151 20.34 24.36 15.65
CA GLU C 151 19.60 24.24 14.40
C GLU C 151 20.06 23.06 13.59
N TRP C 152 21.35 22.78 13.60
CA TRP C 152 21.88 21.57 12.96
C TRP C 152 21.22 20.31 13.54
N PHE C 153 21.19 20.23 14.89
CA PHE C 153 20.57 19.08 15.59
C PHE C 153 19.10 18.89 15.19
N CYS C 154 18.37 20.00 15.15
CA CYS C 154 16.96 20.00 14.91
C CYS C 154 16.60 19.51 13.50
N GLN C 155 17.53 19.73 12.57
CA GLN C 155 17.36 19.46 11.16
C GLN C 155 18.01 18.13 10.76
N GLY C 156 18.90 17.62 11.61
CA GLY C 156 19.43 16.27 11.45
C GLY C 156 20.70 16.29 10.63
N THR C 157 21.26 17.48 10.45
CA THR C 157 22.51 17.62 9.68
C THR C 157 23.72 17.48 10.60
N VAL C 158 23.71 16.42 11.39
CA VAL C 158 24.80 16.13 12.32
C VAL C 158 25.18 14.62 12.22
N LEU C 159 26.31 14.25 12.83
CA LEU C 159 26.79 12.86 12.74
C LEU C 159 25.65 11.91 13.03
N TYR C 160 25.43 10.97 12.11
CA TYR C 160 24.43 9.91 12.25
C TYR C 160 22.99 10.34 12.03
N GLY C 161 22.80 11.50 11.42
CA GLY C 161 21.49 11.92 10.97
C GLY C 161 20.67 12.45 12.10
N SER C 162 19.36 12.59 11.84
CA SER C 162 18.43 13.12 12.82
C SER C 162 18.13 12.09 13.88
N TRP C 163 18.00 12.55 15.12
CA TRP C 163 17.55 11.75 16.25
C TRP C 163 16.08 11.23 16.03
N PHE C 164 15.21 12.10 15.53
CA PHE C 164 13.84 11.72 15.12
C PHE C 164 13.83 10.55 14.13
N ASP C 165 14.58 10.64 13.03
CA ASP C 165 14.75 9.48 12.11
C ASP C 165 15.27 8.26 12.87
N HIS C 166 16.45 8.39 13.52
CA HIS C 166 17.03 7.27 14.25
C HIS C 166 15.94 6.52 15.05
N ILE C 167 15.18 7.28 15.81
CA ILE C 167 14.21 6.74 16.75
C ILE C 167 13.10 6.00 15.97
N HIS C 168 12.48 6.70 15.03
CA HIS C 168 11.52 6.11 14.11
C HIS C 168 11.99 4.82 13.46
N GLY C 169 13.23 4.80 12.95
CA GLY C 169 13.83 3.60 12.40
C GLY C 169 13.72 2.34 13.28
N TRP C 170 14.02 2.49 14.58
CA TRP C 170 14.24 1.35 15.44
C TRP C 170 13.02 0.94 16.25
N MET C 171 12.11 1.88 16.46
CA MET C 171 10.92 1.64 17.30
C MET C 171 10.04 0.42 16.92
N PRO C 172 9.68 0.26 15.62
CA PRO C 172 8.95 -0.93 15.17
C PRO C 172 9.47 -2.23 15.80
N MET C 173 10.77 -2.27 16.10
CA MET C 173 11.43 -3.45 16.67
C MET C 173 11.08 -3.68 18.14
N ARG C 174 10.46 -2.66 18.76
CA ARG C 174 10.36 -2.61 20.22
C ARG C 174 9.61 -3.81 20.78
N GLU C 175 8.90 -4.52 19.90
CA GLU C 175 8.03 -5.61 20.29
C GLU C 175 8.73 -6.99 20.09
N GLU C 176 9.88 -6.99 19.40
CA GLU C 176 10.62 -8.23 19.15
C GLU C 176 11.24 -8.76 20.43
N LYS C 177 11.12 -10.08 20.64
CA LYS C 177 11.59 -10.73 21.88
C LYS C 177 13.10 -10.47 22.14
N ASN C 178 13.87 -10.31 21.05
CA ASN C 178 15.31 -10.02 21.12
C ASN C 178 15.63 -8.52 20.95
N PHE C 179 14.67 -7.66 21.29
CA PHE C 179 14.85 -6.19 21.37
C PHE C 179 14.53 -5.69 22.77
N LEU C 180 15.52 -5.16 23.47
CA LEU C 180 15.27 -4.46 24.74
C LEU C 180 15.29 -2.95 24.57
N LEU C 181 14.18 -2.30 24.88
CA LEU C 181 14.12 -0.83 24.88
C LEU C 181 14.43 -0.28 26.28
N LEU C 182 15.55 0.48 26.39
CA LEU C 182 15.94 1.21 27.63
C LEU C 182 15.96 2.70 27.36
N SER C 183 16.01 3.48 28.43
CA SER C 183 16.29 4.89 28.34
C SER C 183 17.43 5.26 29.28
N TYR C 184 18.14 6.35 29.00
CA TYR C 184 19.17 6.87 29.91
C TYR C 184 18.58 7.30 31.26
N GLU C 185 17.37 7.85 31.21
CA GLU C 185 16.72 8.38 32.41
C GLU C 185 16.40 7.27 33.41
N GLU C 186 15.86 6.14 32.93
CA GLU C 186 15.54 5.00 33.82
C GLU C 186 16.84 4.32 34.32
N LEU C 187 17.88 4.36 33.48
CA LEU C 187 19.16 3.78 33.82
C LEU C 187 19.68 4.61 34.96
N LYS C 188 19.44 5.92 34.89
CA LYS C 188 19.99 6.85 35.85
C LYS C 188 19.26 6.82 37.16
N GLN C 189 17.91 6.83 37.09
CA GLN C 189 17.07 6.88 38.32
C GLN C 189 16.94 5.57 39.06
N ASP C 190 17.02 4.45 38.35
CA ASP C 190 17.10 3.16 39.00
C ASP C 190 18.09 2.21 38.29
N THR C 191 19.37 2.38 38.60
CA THR C 191 20.43 1.63 37.95
C THR C 191 20.39 0.11 38.25
N GLY C 192 20.14 -0.25 39.52
CA GLY C 192 20.01 -1.64 39.93
C GLY C 192 18.84 -2.35 39.28
N ARG C 193 17.67 -1.73 39.32
CA ARG C 193 16.50 -2.25 38.61
C ARG C 193 16.76 -2.46 37.11
N THR C 194 17.28 -1.39 36.46
CA THR C 194 17.62 -1.47 35.03
C THR C 194 18.59 -2.64 34.72
N ILE C 195 19.54 -2.87 35.60
CA ILE C 195 20.51 -3.94 35.43
C ILE C 195 19.84 -5.30 35.60
N GLU C 196 18.88 -5.37 36.50
CA GLU C 196 18.03 -6.54 36.66
C GLU C 196 17.17 -6.83 35.40
N LYS C 197 16.65 -5.76 34.80
CA LYS C 197 15.91 -5.86 33.53
C LYS C 197 16.78 -6.44 32.39
N ILE C 198 18.00 -5.94 32.27
CA ILE C 198 18.93 -6.39 31.25
C ILE C 198 19.30 -7.87 31.48
N CYS C 199 19.54 -8.22 32.76
CA CYS C 199 19.80 -9.60 33.17
C CYS C 199 18.69 -10.53 32.70
N GLN C 200 17.45 -10.17 33.04
CA GLN C 200 16.30 -10.91 32.61
C GLN C 200 16.35 -11.07 31.11
N PHE C 201 16.44 -9.93 30.41
CA PHE C 201 16.54 -9.92 28.94
C PHE C 201 17.59 -10.88 28.35
N LEU C 202 18.75 -10.97 29.00
CA LEU C 202 19.84 -11.73 28.46
C LEU C 202 19.88 -13.15 29.01
N GLY C 203 18.95 -13.45 29.91
CA GLY C 203 18.82 -14.78 30.48
C GLY C 203 19.96 -15.02 31.42
N LYS C 204 20.32 -13.99 32.18
CA LYS C 204 21.45 -14.04 33.12
C LYS C 204 21.04 -13.75 34.59
N THR C 205 21.72 -14.44 35.52
CA THR C 205 21.52 -14.25 36.94
C THR C 205 22.78 -13.62 37.54
N LEU C 206 22.57 -12.70 38.48
CA LEU C 206 23.65 -12.16 39.30
C LEU C 206 23.28 -12.31 40.76
N GLU C 207 24.21 -12.82 41.57
CA GLU C 207 24.03 -12.78 43.03
C GLU C 207 23.98 -11.30 43.48
N PRO C 208 23.22 -10.99 44.55
CA PRO C 208 23.18 -9.58 44.98
C PRO C 208 24.57 -9.01 45.25
N GLU C 209 25.51 -9.86 45.65
CA GLU C 209 26.92 -9.45 45.83
C GLU C 209 27.55 -8.93 44.53
N GLU C 210 27.19 -9.59 43.42
CA GLU C 210 27.69 -9.30 42.05
C GLU C 210 27.17 -8.00 41.51
N LEU C 211 25.87 -7.77 41.71
CA LEU C 211 25.20 -6.52 41.32
C LEU C 211 25.79 -5.32 42.02
N ASN C 212 26.00 -5.45 43.33
CA ASN C 212 26.62 -4.38 44.12
C ASN C 212 27.97 -3.94 43.55
N LEU C 213 28.79 -4.91 43.13
CA LEU C 213 30.09 -4.60 42.54
C LEU C 213 29.95 -3.93 41.18
N ILE C 214 28.85 -4.24 40.48
CA ILE C 214 28.54 -3.66 39.15
C ILE C 214 28.07 -2.22 39.32
N LEU C 215 27.26 -1.97 40.33
CA LEU C 215 26.83 -0.60 40.64
C LEU C 215 28.01 0.26 41.08
N LYS C 216 28.91 -0.33 41.89
CA LYS C 216 30.05 0.43 42.39
C LYS C 216 30.98 0.84 41.22
N ASN C 217 31.29 -0.17 40.39
CA ASN C 217 32.28 -0.09 39.30
C ASN C 217 31.76 0.51 37.96
N SER C 218 30.43 0.51 37.78
CA SER C 218 29.79 1.21 36.63
C SER C 218 29.57 2.74 36.89
N SER C 219 29.93 3.20 38.07
CA SER C 219 29.61 4.58 38.47
C SER C 219 30.35 5.64 37.65
N PHE C 220 29.77 6.85 37.59
CA PHE C 220 30.32 7.96 36.86
C PHE C 220 31.76 8.22 37.28
N GLN C 221 31.98 8.20 38.60
CA GLN C 221 33.30 8.36 39.18
C GLN C 221 34.27 7.25 38.80
N SER C 222 33.89 5.99 38.99
CA SER C 222 34.85 4.88 38.66
C SER C 222 35.24 4.99 37.20
N MET C 223 34.21 5.16 36.35
CA MET C 223 34.45 5.34 34.90
C MET C 223 35.35 6.54 34.60
N LYS C 224 35.08 7.67 35.27
CA LYS C 224 35.87 8.89 35.09
C LYS C 224 37.32 8.66 35.50
N GLU C 225 37.53 7.88 36.55
CA GLU C 225 38.90 7.57 36.99
C GLU C 225 39.55 6.41 36.20
N ASN C 226 38.73 5.64 35.49
CA ASN C 226 39.24 4.52 34.68
C ASN C 226 39.88 5.00 33.33
N LYS C 227 41.20 5.03 33.26
CA LYS C 227 41.93 5.45 32.03
C LYS C 227 41.50 4.71 30.72
N MET C 228 41.03 3.47 30.86
CA MET C 228 40.54 2.68 29.72
C MET C 228 39.17 3.19 29.26
N SER C 229 38.50 3.96 30.14
CA SER C 229 37.07 4.25 30.02
C SER C 229 36.73 5.70 29.89
N ASN C 230 37.70 6.57 30.07
CA ASN C 230 37.42 8.01 30.14
C ASN C 230 37.81 8.76 28.84
N TYR C 231 38.29 7.99 27.86
CA TYR C 231 38.72 8.50 26.56
C TYR C 231 40.10 9.20 26.59
N SER C 232 40.77 9.18 27.74
CA SER C 232 42.07 9.84 27.88
C SER C 232 43.11 9.18 26.98
N LEU C 233 42.76 8.01 26.45
CA LEU C 233 43.68 7.18 25.68
C LEU C 233 43.63 7.48 24.18
N LEU C 234 42.77 8.40 23.78
CA LEU C 234 42.73 8.88 22.41
C LEU C 234 43.99 9.70 22.10
N SER C 235 44.63 9.40 20.95
CA SER C 235 45.86 10.13 20.52
C SER C 235 45.56 11.57 20.08
N VAL C 236 46.62 12.39 20.01
CA VAL C 236 46.52 13.75 19.47
C VAL C 236 46.08 13.76 18.00
N ASP C 237 46.21 12.60 17.33
CA ASP C 237 45.71 12.41 15.96
C ASP C 237 44.22 12.74 15.85
N TYR C 238 43.47 12.48 16.95
CA TYR C 238 42.00 12.60 16.99
C TYR C 238 41.47 13.82 17.76
N VAL C 239 42.17 14.21 18.83
CA VAL C 239 41.64 15.21 19.79
C VAL C 239 42.61 16.38 20.10
N VAL C 240 42.04 17.51 20.54
CA VAL C 240 42.78 18.58 21.22
C VAL C 240 42.52 18.49 22.73
N ASP C 241 43.56 18.76 23.54
CA ASP C 241 43.51 18.56 25.01
C ASP C 241 43.27 17.08 25.35
N LYS C 242 42.30 16.83 26.23
CA LYS C 242 41.83 15.47 26.55
C LYS C 242 40.28 15.27 26.40
N ALA C 243 39.83 14.02 26.61
CA ALA C 243 38.40 13.66 26.81
C ALA C 243 37.47 14.39 25.84
N GLN C 244 36.30 14.92 26.26
CA GLN C 244 35.66 14.80 27.60
C GLN C 244 34.34 13.96 27.58
N LEU C 245 34.46 12.65 27.71
CA LEU C 245 33.29 11.78 27.62
C LEU C 245 32.41 11.90 28.84
N LEU C 246 33.07 11.93 29.99
CA LEU C 246 32.43 11.98 31.29
C LEU C 246 32.37 13.43 31.77
N ARG C 247 31.31 14.15 31.33
CA ARG C 247 31.13 15.59 31.58
C ARG C 247 30.33 15.82 32.82
N LYS C 248 29.06 15.41 32.84
CA LYS C 248 28.18 15.72 33.98
C LYS C 248 27.39 14.50 34.51
N GLY C 249 26.87 13.69 33.60
CA GLY C 249 26.39 12.37 33.95
C GLY C 249 25.06 12.41 34.66
N VAL C 250 24.34 13.52 34.50
CA VAL C 250 22.93 13.61 35.00
C VAL C 250 21.98 13.72 33.82
N SER C 251 20.69 13.50 34.05
CA SER C 251 19.70 14.02 33.12
C SER C 251 19.14 15.42 33.58
N GLY C 252 18.45 16.13 32.70
CA GLY C 252 17.89 17.46 33.06
C GLY C 252 18.80 18.64 32.75
N ASP C 253 20.01 18.32 32.27
CA ASP C 253 21.00 19.39 32.12
C ASP C 253 20.58 20.36 31.02
N TRP C 254 19.84 19.87 30.03
CA TRP C 254 19.38 20.69 28.94
C TRP C 254 18.80 22.06 29.40
N LYS C 255 18.13 22.08 30.54
CA LYS C 255 17.49 23.31 31.06
C LYS C 255 18.51 24.36 31.46
N ASN C 256 19.73 23.96 31.75
CA ASN C 256 20.77 24.92 32.05
C ASN C 256 21.30 25.59 30.80
N HIS C 257 20.79 25.16 29.66
CA HIS C 257 21.34 25.52 28.34
C HIS C 257 20.29 26.11 27.36
N PHE C 258 19.20 25.35 27.07
CA PHE C 258 18.12 25.88 26.20
C PHE C 258 17.65 27.22 26.80
N THR C 259 17.30 28.19 25.98
CA THR C 259 16.52 29.32 26.48
C THR C 259 15.07 28.88 26.48
N VAL C 260 14.18 29.73 26.99
CA VAL C 260 12.77 29.37 27.03
C VAL C 260 12.22 29.33 25.60
N ALA C 261 12.75 30.21 24.74
CA ALA C 261 12.36 30.22 23.32
C ALA C 261 12.83 28.94 22.61
N GLN C 262 14.07 28.57 22.83
CA GLN C 262 14.58 27.32 22.27
C GLN C 262 13.80 26.13 22.79
N ALA C 263 13.45 26.16 24.06
CA ALA C 263 12.66 25.06 24.63
C ALA C 263 11.32 24.93 23.92
N GLU C 264 10.62 26.07 23.75
CA GLU C 264 9.27 26.11 23.09
C GLU C 264 9.32 25.58 21.66
N ASP C 265 10.28 26.06 20.87
CA ASP C 265 10.50 25.62 19.50
C ASP C 265 10.71 24.12 19.47
N PHE C 266 11.55 23.65 20.39
CA PHE C 266 11.84 22.21 20.49
C PHE C 266 10.58 21.38 20.81
N ASP C 267 9.79 21.85 21.76
CA ASP C 267 8.54 21.16 22.10
C ASP C 267 7.61 21.08 20.87
N LYS C 268 7.39 22.23 20.22
CA LYS C 268 6.65 22.26 18.95
C LYS C 268 7.14 21.14 18.00
N LEU C 269 8.44 21.13 17.73
CA LEU C 269 9.05 20.19 16.80
C LEU C 269 9.06 18.75 17.30
N PHE C 270 9.43 18.53 18.56
CA PHE C 270 9.31 17.18 19.13
C PHE C 270 7.86 16.67 18.96
N GLN C 271 6.90 17.57 19.14
CA GLN C 271 5.48 17.18 19.14
C GLN C 271 5.04 16.86 17.72
N GLU C 272 5.51 17.66 16.76
CA GLU C 272 5.17 17.50 15.35
C GLU C 272 5.78 16.24 14.76
N LYS C 273 7.00 15.90 15.18
CA LYS C 273 7.74 14.76 14.60
C LYS C 273 7.43 13.42 15.27
N MET C 274 7.04 13.45 16.53
CA MET C 274 6.78 12.23 17.32
C MET C 274 5.30 11.85 17.52
N ALA C 275 4.39 12.60 16.86
CA ALA C 275 2.94 12.39 16.99
C ALA C 275 2.51 10.96 16.68
N ASP C 276 3.05 10.42 15.59
CA ASP C 276 2.67 9.09 15.12
C ASP C 276 3.16 7.96 16.01
N LEU C 277 3.79 8.31 17.15
CA LEU C 277 4.23 7.33 18.18
C LEU C 277 3.60 7.65 19.54
N PRO C 278 3.41 6.62 20.41
CA PRO C 278 2.76 6.91 21.70
C PRO C 278 3.69 7.64 22.66
N ARG C 279 3.14 8.66 23.33
CA ARG C 279 3.92 9.50 24.25
C ARG C 279 4.53 8.71 25.45
N GLU C 280 3.85 7.65 25.88
CA GLU C 280 4.35 6.82 26.99
C GLU C 280 5.71 6.14 26.69
N LEU C 281 6.15 6.22 25.43
CA LEU C 281 7.48 5.72 25.03
C LEU C 281 8.63 6.58 25.53
N PHE C 282 8.36 7.86 25.75
CA PHE C 282 9.42 8.85 26.06
C PHE C 282 9.22 9.56 27.42
N PRO C 283 9.86 9.02 28.48
CA PRO C 283 9.75 9.54 29.85
C PRO C 283 10.42 10.91 30.08
N TRP C 284 9.85 11.96 29.49
CA TRP C 284 10.24 13.35 29.76
C TRP C 284 9.08 14.22 29.25
N GLU C 285 8.84 15.38 29.86
CA GLU C 285 9.47 15.77 31.12
C GLU C 285 8.42 16.15 32.19
N ASP D 4 -0.63 -4.75 -26.44
CA ASP D 4 0.70 -5.05 -25.82
C ASP D 4 1.57 -3.80 -25.64
N PHE D 5 1.98 -3.18 -26.75
CA PHE D 5 2.58 -1.84 -26.72
C PHE D 5 1.83 -0.84 -27.62
N LEU D 6 2.01 0.44 -27.32
CA LEU D 6 1.77 1.52 -28.25
C LEU D 6 3.05 1.70 -29.09
N TRP D 7 2.95 1.42 -30.37
CA TRP D 7 4.09 1.56 -31.25
C TRP D 7 4.01 2.87 -31.97
N PHE D 8 5.09 3.65 -31.89
CA PHE D 8 5.17 4.96 -32.55
C PHE D 8 6.59 5.15 -33.02
N GLU D 9 6.73 5.45 -34.30
CA GLU D 9 8.04 5.65 -34.95
C GLU D 9 9.04 4.52 -34.60
N GLY D 10 8.57 3.28 -34.58
CA GLY D 10 9.43 2.13 -34.25
C GLY D 10 9.86 2.01 -32.79
N ILE D 11 9.12 2.69 -31.89
CA ILE D 11 9.42 2.70 -30.44
C ILE D 11 8.19 2.28 -29.64
N ALA D 12 8.37 1.29 -28.77
CA ALA D 12 7.30 0.78 -27.92
C ALA D 12 7.02 1.75 -26.77
N PHE D 13 5.75 2.10 -26.59
CA PHE D 13 5.30 2.95 -25.50
C PHE D 13 4.26 2.18 -24.68
N PRO D 14 4.07 2.54 -23.39
CA PRO D 14 2.98 1.87 -22.62
C PRO D 14 1.64 2.04 -23.31
N THR D 15 0.75 1.06 -23.11
CA THR D 15 -0.61 1.09 -23.64
C THR D 15 -1.59 1.90 -22.77
N MET D 16 -1.07 2.55 -21.71
CA MET D 16 -1.85 3.47 -20.87
C MET D 16 -1.13 4.80 -20.75
N GLY D 17 -1.90 5.89 -20.81
CA GLY D 17 -1.36 7.23 -20.61
C GLY D 17 -0.73 7.83 -21.84
N PHE D 18 -0.69 7.07 -22.93
CA PHE D 18 0.00 7.53 -24.14
C PHE D 18 -0.87 7.38 -25.40
N ARG D 19 -0.75 8.36 -26.29
CA ARG D 19 -1.46 8.38 -27.58
C ARG D 19 -0.53 8.85 -28.72
N SER D 20 -0.69 8.25 -29.89
CA SER D 20 0.16 8.55 -31.04
C SER D 20 0.06 9.98 -31.48
N GLU D 21 -1.16 10.49 -31.45
CA GLU D 21 -1.44 11.89 -31.79
C GLU D 21 -0.64 12.87 -30.91
N THR D 22 -0.69 12.68 -29.59
CA THR D 22 0.13 13.46 -28.65
C THR D 22 1.63 13.41 -28.99
N LEU D 23 2.14 12.20 -29.21
CA LEU D 23 3.57 11.95 -29.45
C LEU D 23 4.12 12.66 -30.68
N ARG D 24 3.29 12.80 -31.72
CA ARG D 24 3.62 13.65 -32.89
C ARG D 24 3.71 15.15 -32.53
N LYS D 25 2.73 15.63 -31.76
CA LYS D 25 2.71 17.05 -31.31
C LYS D 25 3.84 17.35 -30.31
N VAL D 26 3.99 16.51 -29.28
CA VAL D 26 5.21 16.51 -28.45
C VAL D 26 6.43 16.88 -29.31
N ARG D 27 6.64 16.08 -30.36
CA ARG D 27 7.80 16.22 -31.25
C ARG D 27 7.72 17.48 -32.14
N ASP D 28 6.54 17.71 -32.72
CA ASP D 28 6.38 18.76 -33.77
C ASP D 28 5.88 20.11 -33.28
N GLU D 29 5.15 20.13 -32.19
CA GLU D 29 4.48 21.37 -31.73
C GLU D 29 4.72 21.80 -30.25
N PHE D 30 5.12 20.87 -29.38
CA PHE D 30 5.43 21.24 -27.99
C PHE D 30 6.58 22.29 -27.92
N VAL D 31 6.32 23.40 -27.24
CA VAL D 31 7.27 24.52 -27.15
C VAL D 31 8.20 24.35 -25.95
N ILE D 32 9.50 24.38 -26.20
CA ILE D 32 10.50 24.35 -25.14
C ILE D 32 10.93 25.79 -24.84
N ARG D 33 10.97 26.16 -23.57
CA ARG D 33 11.36 27.52 -23.16
C ARG D 33 12.82 27.50 -22.73
N ASP D 34 13.53 28.63 -22.87
CA ASP D 34 14.95 28.71 -22.44
C ASP D 34 15.17 28.29 -20.97
N GLU D 35 14.10 28.36 -20.15
CA GLU D 35 14.20 28.20 -18.68
C GLU D 35 13.88 26.78 -18.13
N ASP D 36 13.43 25.90 -19.03
CA ASP D 36 13.19 24.50 -18.73
C ASP D 36 14.47 23.76 -18.30
N VAL D 37 14.32 22.95 -17.26
CA VAL D 37 15.30 21.94 -16.90
C VAL D 37 14.71 20.56 -17.12
N ILE D 38 15.43 19.74 -17.88
CA ILE D 38 14.84 18.52 -18.36
C ILE D 38 15.68 17.28 -18.06
N ILE D 39 15.06 16.26 -17.48
CA ILE D 39 15.76 15.01 -17.31
C ILE D 39 15.53 14.06 -18.47
N LEU D 40 16.64 13.58 -19.03
CA LEU D 40 16.63 12.59 -20.08
C LEU D 40 17.22 11.30 -19.61
N THR D 41 16.43 10.22 -19.66
CA THR D 41 16.92 8.91 -19.24
C THR D 41 16.31 7.81 -20.10
N TYR D 42 17.12 6.79 -20.42
CA TYR D 42 16.54 5.44 -20.68
C TYR D 42 15.94 4.86 -19.36
N PRO D 43 14.67 4.30 -19.43
CA PRO D 43 13.91 3.85 -18.26
C PRO D 43 14.70 2.99 -17.33
N LYS D 44 14.44 3.19 -16.03
CA LYS D 44 15.13 2.51 -14.94
C LYS D 44 16.59 2.96 -14.79
N SER D 45 16.90 4.18 -15.18
CA SER D 45 18.31 4.66 -15.02
C SER D 45 18.54 5.56 -13.78
N GLY D 46 17.52 5.71 -12.96
CA GLY D 46 17.58 6.59 -11.79
C GLY D 46 16.94 7.95 -12.05
N THR D 47 15.89 7.94 -12.90
CA THR D 47 15.06 9.14 -13.22
C THR D 47 14.46 9.81 -12.00
N ASN D 48 13.77 9.01 -11.16
CA ASN D 48 13.13 9.54 -9.95
C ASN D 48 14.12 10.12 -8.91
N TRP D 49 15.25 9.44 -8.76
CA TRP D 49 16.30 9.91 -7.89
C TRP D 49 16.71 11.31 -8.27
N LEU D 50 17.04 11.50 -9.54
CA LEU D 50 17.54 12.79 -10.03
C LEU D 50 16.48 13.88 -9.99
N ALA D 51 15.25 13.54 -10.34
CA ALA D 51 14.10 14.47 -10.16
C ALA D 51 14.07 14.99 -8.71
N GLU D 52 14.08 14.05 -7.76
CA GLU D 52 14.03 14.35 -6.32
C GLU D 52 15.18 15.29 -5.96
N ILE D 53 16.39 14.96 -6.41
CA ILE D 53 17.55 15.85 -6.19
C ILE D 53 17.25 17.28 -6.76
N LEU D 54 16.75 17.34 -8.01
CA LEU D 54 16.55 18.63 -8.64
C LEU D 54 15.54 19.46 -7.88
N CYS D 55 14.40 18.84 -7.54
CA CYS D 55 13.37 19.44 -6.66
C CYS D 55 13.93 20.01 -5.35
N LEU D 56 14.90 19.30 -4.78
CA LEU D 56 15.51 19.68 -3.50
C LEU D 56 16.59 20.78 -3.64
N MET D 57 17.35 20.79 -4.74
CA MET D 57 18.27 21.92 -4.94
C MET D 57 17.47 23.24 -5.11
N HIS D 58 16.29 23.13 -5.70
CA HIS D 58 15.40 24.26 -5.96
C HIS D 58 14.76 24.80 -4.70
N SER D 59 14.62 23.94 -3.69
CA SER D 59 14.01 24.34 -2.41
C SER D 59 15.08 24.37 -1.32
N LYS D 60 16.33 24.36 -1.76
CA LYS D 60 17.47 24.51 -0.88
C LYS D 60 17.52 23.47 0.28
N GLY D 61 16.94 22.30 0.04
CA GLY D 61 16.92 21.22 1.02
C GLY D 61 15.58 21.05 1.72
N ASP D 62 14.75 22.08 1.70
CA ASP D 62 13.43 21.99 2.32
C ASP D 62 12.56 20.92 1.61
N ALA D 63 12.12 19.94 2.40
CA ALA D 63 11.37 18.83 1.91
C ALA D 63 9.88 19.12 1.81
N LYS D 64 9.47 20.37 2.04
CA LYS D 64 8.05 20.72 2.08
C LYS D 64 7.29 20.21 0.86
N TRP D 65 7.84 20.47 -0.32
CA TRP D 65 7.06 20.19 -1.54
C TRP D 65 7.21 18.80 -2.04
N ILE D 66 8.41 18.23 -1.94
CA ILE D 66 8.56 16.79 -2.22
C ILE D 66 7.68 15.88 -1.34
N GLN D 67 7.29 16.34 -0.17
CA GLN D 67 6.45 15.52 0.69
C GLN D 67 4.94 15.74 0.53
N SER D 68 4.56 16.74 -0.26
CA SER D 68 3.14 17.08 -0.44
C SER D 68 2.69 17.00 -1.92
N VAL D 69 3.66 17.03 -2.84
CA VAL D 69 3.38 16.92 -4.29
C VAL D 69 3.94 15.58 -4.88
N PRO D 70 3.09 14.78 -5.57
CA PRO D 70 3.66 13.54 -6.19
C PRO D 70 4.83 13.79 -7.16
N ILE D 71 5.75 12.84 -7.21
CA ILE D 71 7.02 13.08 -7.89
C ILE D 71 6.81 13.26 -9.38
N TRP D 72 5.76 12.58 -9.89
CA TRP D 72 5.42 12.64 -11.29
C TRP D 72 4.67 13.94 -11.65
N GLU D 73 4.19 14.70 -10.65
CA GLU D 73 3.57 16.02 -10.92
C GLU D 73 4.61 17.12 -10.77
N ARG D 74 5.72 16.76 -10.10
CA ARG D 74 6.81 17.70 -9.83
C ARG D 74 7.78 17.65 -11.05
N SER D 75 7.79 16.51 -11.70
CA SER D 75 8.53 16.29 -12.94
C SER D 75 7.71 15.36 -13.81
N PRO D 76 6.77 15.94 -14.60
CA PRO D 76 5.92 15.20 -15.55
C PRO D 76 6.72 14.48 -16.65
N TRP D 77 6.16 13.41 -17.21
CA TRP D 77 6.73 12.91 -18.44
C TRP D 77 6.03 13.68 -19.54
N VAL D 78 6.81 14.42 -20.30
CA VAL D 78 6.32 15.33 -21.34
C VAL D 78 5.69 14.52 -22.47
N GLU D 79 6.23 13.34 -22.72
CA GLU D 79 5.71 12.49 -23.76
C GLU D 79 4.34 11.88 -23.36
N SER D 80 4.02 11.88 -22.06
CA SER D 80 2.72 11.36 -21.61
C SER D 80 1.54 12.32 -21.89
N GLU D 81 0.35 11.75 -22.08
CA GLU D 81 -0.89 12.51 -22.25
C GLU D 81 -1.04 13.58 -21.17
N ILE D 82 -1.08 13.15 -19.91
CA ILE D 82 -1.24 14.06 -18.76
C ILE D 82 -0.08 15.07 -18.63
N GLY D 83 1.15 14.61 -18.86
CA GLY D 83 2.34 15.46 -18.74
C GLY D 83 2.42 16.58 -19.77
N TYR D 84 2.23 16.21 -21.05
CA TYR D 84 2.12 17.14 -22.17
C TYR D 84 1.12 18.26 -21.93
N THR D 85 -0.03 17.91 -21.35
CA THR D 85 -1.12 18.85 -21.14
C THR D 85 -0.80 19.81 -20.02
N ALA D 86 -0.35 19.27 -18.89
CA ALA D 86 -0.01 20.04 -17.70
C ALA D 86 1.10 21.04 -17.98
N LEU D 87 2.11 20.61 -18.73
CA LEU D 87 3.30 21.46 -18.96
C LEU D 87 3.01 22.75 -19.73
N SER D 88 2.18 22.67 -20.79
CA SER D 88 1.64 23.88 -21.50
C SER D 88 1.13 24.92 -20.52
N GLU D 89 0.47 24.45 -19.46
CA GLU D 89 -0.23 25.31 -18.51
C GLU D 89 0.62 25.63 -17.27
N THR D 90 1.93 25.44 -17.35
CA THR D 90 2.79 25.57 -16.18
C THR D 90 3.67 26.79 -16.34
N GLU D 91 3.67 27.62 -15.30
CA GLU D 91 4.56 28.75 -15.25
C GLU D 91 6.00 28.24 -15.19
N SER D 92 6.94 28.99 -15.77
CA SER D 92 8.40 28.74 -15.60
C SER D 92 8.84 28.97 -14.14
N PRO D 93 9.98 28.35 -13.72
CA PRO D 93 10.76 27.29 -14.35
C PRO D 93 10.10 25.92 -14.29
N ARG D 94 9.94 25.31 -15.46
CA ARG D 94 9.48 23.96 -15.55
C ARG D 94 10.62 22.96 -15.36
N LEU D 95 10.36 21.99 -14.52
CA LEU D 95 11.18 20.81 -14.49
C LEU D 95 10.37 19.69 -15.10
N PHE D 96 10.99 18.88 -15.93
CA PHE D 96 10.30 17.64 -16.39
C PHE D 96 11.19 16.52 -16.86
N SER D 97 10.56 15.36 -17.06
CA SER D 97 11.27 14.12 -17.47
C SER D 97 10.93 13.70 -18.89
N SER D 98 11.83 12.97 -19.52
CA SER D 98 11.51 12.29 -20.78
C SER D 98 12.41 11.09 -20.99
N HIS D 99 11.82 10.02 -21.49
CA HIS D 99 12.61 8.88 -21.94
C HIS D 99 12.77 8.85 -23.49
N LEU D 100 12.36 9.95 -24.14
CA LEU D 100 12.34 10.02 -25.61
C LEU D 100 13.76 9.97 -26.16
N PRO D 101 14.02 9.08 -27.17
CA PRO D 101 15.26 9.11 -27.95
C PRO D 101 15.29 10.43 -28.67
N ILE D 102 16.47 10.86 -29.11
CA ILE D 102 16.63 12.24 -29.58
C ILE D 102 15.63 12.60 -30.68
N GLN D 103 15.38 11.64 -31.58
CA GLN D 103 14.60 11.89 -32.79
C GLN D 103 13.10 12.03 -32.51
N LEU D 104 12.67 11.60 -31.32
CA LEU D 104 11.26 11.81 -30.88
C LEU D 104 11.09 13.08 -29.99
N PHE D 105 12.20 13.74 -29.64
CA PHE D 105 12.19 14.84 -28.68
C PHE D 105 11.72 16.15 -29.33
N PRO D 106 10.87 16.94 -28.59
CA PRO D 106 10.37 18.22 -29.10
C PRO D 106 11.40 18.90 -29.96
N LYS D 107 11.06 19.06 -31.26
CA LYS D 107 11.91 19.80 -32.25
C LYS D 107 12.39 21.12 -31.69
N SER D 108 11.50 21.75 -30.92
CA SER D 108 11.68 23.07 -30.36
C SER D 108 12.95 23.24 -29.53
N PHE D 109 13.35 22.16 -28.84
CA PHE D 109 14.48 22.24 -27.94
C PHE D 109 15.73 22.66 -28.65
N PHE D 110 15.87 22.26 -29.91
CA PHE D 110 17.14 22.38 -30.62
C PHE D 110 17.51 23.80 -31.09
N SER D 111 16.56 24.74 -31.00
CA SER D 111 16.86 26.16 -31.21
C SER D 111 16.79 26.96 -29.88
N SER D 112 16.49 26.25 -28.78
CA SER D 112 16.34 26.83 -27.43
C SER D 112 17.62 26.72 -26.59
N LYS D 113 17.63 27.41 -25.45
CA LYS D 113 18.73 27.37 -24.49
C LYS D 113 18.45 26.48 -23.26
N ALA D 114 17.35 25.72 -23.31
CA ALA D 114 16.94 24.86 -22.21
C ALA D 114 18.04 23.86 -21.78
N LYS D 115 18.18 23.64 -20.47
CA LYS D 115 19.21 22.78 -19.96
C LYS D 115 18.73 21.32 -19.78
N VAL D 116 19.42 20.39 -20.40
CA VAL D 116 19.03 19.00 -20.26
C VAL D 116 20.05 18.20 -19.49
N ILE D 117 19.56 17.37 -18.58
CA ILE D 117 20.45 16.46 -17.85
C ILE D 117 20.24 15.01 -18.28
N TYR D 118 21.25 14.46 -18.92
CA TYR D 118 21.15 13.09 -19.38
C TYR D 118 21.83 12.14 -18.38
N LEU D 119 21.04 11.25 -17.77
CA LEU D 119 21.59 10.30 -16.83
C LEU D 119 21.69 8.92 -17.47
N MET D 120 22.88 8.38 -17.52
CA MET D 120 23.04 7.01 -18.02
C MET D 120 23.41 6.06 -16.86
N ARG D 121 23.21 4.76 -17.07
CA ARG D 121 23.42 3.74 -16.07
C ARG D 121 23.90 2.46 -16.76
N ASN D 122 24.67 1.64 -16.07
CA ASN D 122 25.09 0.36 -16.65
C ASN D 122 23.87 -0.37 -17.18
N PRO D 123 23.86 -0.62 -18.50
CA PRO D 123 22.62 -1.24 -19.08
C PRO D 123 22.35 -2.59 -18.46
N ARG D 124 23.41 -3.22 -17.94
CA ARG D 124 23.30 -4.46 -17.19
C ARG D 124 22.43 -4.21 -15.96
N ASP D 125 22.67 -3.06 -15.30
CA ASP D 125 21.90 -2.66 -14.13
C ASP D 125 20.49 -2.21 -14.48
N VAL D 126 20.35 -1.58 -15.65
CA VAL D 126 19.05 -1.17 -16.16
C VAL D 126 18.19 -2.35 -16.49
N LEU D 127 18.82 -3.34 -17.15
CA LEU D 127 18.21 -4.56 -17.53
C LEU D 127 17.60 -5.23 -16.30
N VAL D 128 18.38 -5.37 -15.22
CA VAL D 128 17.90 -5.95 -13.98
C VAL D 128 16.81 -5.14 -13.28
N SER D 129 17.00 -3.82 -13.18
CA SER D 129 16.05 -2.92 -12.56
C SER D 129 14.71 -2.99 -13.26
N GLY D 130 14.74 -2.93 -14.59
CA GLY D 130 13.56 -3.08 -15.42
C GLY D 130 12.88 -4.41 -15.21
N TYR D 131 13.64 -5.50 -15.23
CA TYR D 131 13.05 -6.85 -15.07
C TYR D 131 12.10 -7.04 -13.88
N PHE D 132 12.62 -6.69 -12.68
CA PHE D 132 11.86 -6.70 -11.43
C PHE D 132 10.74 -5.69 -11.42
N PHE D 133 11.00 -4.48 -11.89
CA PHE D 133 9.99 -3.39 -11.86
C PHE D 133 8.68 -3.65 -12.62
N TRP D 134 8.77 -4.15 -13.85
CA TRP D 134 7.58 -4.29 -14.70
C TRP D 134 6.56 -5.30 -14.15
N LYS D 135 7.01 -6.16 -13.26
CA LYS D 135 6.21 -7.29 -12.77
C LYS D 135 4.89 -6.85 -12.17
N ASN D 136 4.91 -5.76 -11.41
CA ASN D 136 3.70 -5.28 -10.71
C ASN D 136 2.84 -4.31 -11.49
N MET D 137 3.27 -3.97 -12.70
CA MET D 137 2.57 -2.98 -13.53
C MET D 137 1.60 -3.72 -14.47
N LYS D 138 0.31 -3.40 -14.36
CA LYS D 138 -0.78 -4.21 -14.94
C LYS D 138 -1.01 -4.01 -16.46
N PHE D 139 -0.23 -3.13 -17.08
CA PHE D 139 -0.44 -2.78 -18.48
C PHE D 139 0.83 -2.95 -19.30
N ILE D 140 1.78 -3.69 -18.73
CA ILE D 140 3.05 -3.93 -19.38
C ILE D 140 3.10 -5.42 -19.78
N LYS D 141 3.47 -5.70 -21.04
CA LYS D 141 3.74 -7.08 -21.47
C LYS D 141 4.83 -7.69 -20.59
N LYS D 142 4.54 -8.88 -20.06
CA LYS D 142 5.44 -9.55 -19.12
C LYS D 142 6.25 -10.66 -19.80
N PRO D 143 7.57 -10.71 -19.52
CA PRO D 143 8.42 -11.86 -19.91
C PRO D 143 7.93 -13.22 -19.35
N LYS D 144 8.10 -14.28 -20.14
CA LYS D 144 7.88 -15.64 -19.66
C LYS D 144 8.99 -16.03 -18.67
N SER D 145 10.16 -15.40 -18.83
CA SER D 145 11.32 -15.75 -18.07
C SER D 145 12.31 -14.60 -18.02
N TRP D 146 13.31 -14.75 -17.14
CA TRP D 146 14.47 -13.87 -17.06
C TRP D 146 15.26 -13.92 -18.37
N GLU D 147 15.43 -15.13 -18.89
CA GLU D 147 16.12 -15.38 -20.15
C GLU D 147 15.47 -14.67 -21.32
N GLU D 148 14.14 -14.72 -21.39
CA GLU D 148 13.39 -14.05 -22.43
C GLU D 148 13.50 -12.50 -22.36
N TYR D 149 13.30 -11.94 -21.17
CA TYR D 149 13.53 -10.51 -20.95
C TYR D 149 15.00 -10.11 -21.22
N PHE D 150 15.94 -10.98 -20.86
CA PHE D 150 17.33 -10.73 -21.23
C PHE D 150 17.40 -10.45 -22.76
N GLU D 151 16.84 -11.38 -23.53
CA GLU D 151 16.89 -11.35 -24.99
C GLU D 151 16.08 -10.23 -25.56
N TRP D 152 14.89 -9.96 -25.01
CA TRP D 152 14.13 -8.74 -25.38
C TRP D 152 15.01 -7.49 -25.25
N PHE D 153 15.72 -7.37 -24.13
CA PHE D 153 16.47 -6.13 -23.82
C PHE D 153 17.63 -5.94 -24.77
N CYS D 154 18.34 -7.02 -25.02
CA CYS D 154 19.44 -7.00 -25.91
C CYS D 154 19.00 -6.66 -27.35
N GLN D 155 17.80 -7.12 -27.73
CA GLN D 155 17.21 -6.89 -29.07
C GLN D 155 16.77 -5.43 -29.23
N GLY D 156 16.39 -4.80 -28.11
CA GLY D 156 15.88 -3.42 -28.10
C GLY D 156 14.36 -3.35 -28.21
N THR D 157 13.69 -4.51 -28.18
CA THR D 157 12.22 -4.56 -28.37
C THR D 157 11.49 -4.47 -27.03
N VAL D 158 11.87 -3.46 -26.25
CA VAL D 158 11.31 -3.19 -24.93
C VAL D 158 10.82 -1.72 -24.93
N LEU D 159 10.02 -1.33 -23.94
CA LEU D 159 9.61 0.08 -23.78
C LEU D 159 10.75 1.03 -24.09
N TYR D 160 10.48 1.96 -25.02
CA TYR D 160 11.38 3.08 -25.34
C TYR D 160 12.58 2.66 -26.17
N GLY D 161 12.62 1.39 -26.56
CA GLY D 161 13.55 0.89 -27.56
C GLY D 161 14.94 0.52 -27.05
N SER D 162 15.92 0.56 -27.94
CA SER D 162 17.24 0.08 -27.62
C SER D 162 17.97 1.11 -26.75
N TRP D 163 18.64 0.59 -25.72
CA TRP D 163 19.51 1.36 -24.88
C TRP D 163 20.66 1.84 -25.75
N PHE D 164 21.15 0.93 -26.58
CA PHE D 164 22.29 1.22 -27.43
C PHE D 164 21.93 2.40 -28.34
N ASP D 165 20.75 2.35 -28.98
CA ASP D 165 20.26 3.46 -29.85
C ASP D 165 20.00 4.74 -29.06
N HIS D 166 19.23 4.63 -27.97
CA HIS D 166 18.98 5.78 -27.07
C HIS D 166 20.25 6.56 -26.74
N ILE D 167 21.30 5.82 -26.35
CA ILE D 167 22.64 6.43 -26.04
C ILE D 167 23.29 7.07 -27.29
N HIS D 168 23.40 6.30 -28.38
CA HIS D 168 23.90 6.82 -29.64
C HIS D 168 23.30 8.15 -30.10
N GLY D 169 21.97 8.24 -30.01
CA GLY D 169 21.22 9.33 -30.57
C GLY D 169 21.41 10.59 -29.76
N TRP D 170 21.63 10.44 -28.45
CA TRP D 170 21.79 11.58 -27.51
C TRP D 170 23.24 12.03 -27.28
N MET D 171 24.21 11.13 -27.44
CA MET D 171 25.63 11.43 -27.15
C MET D 171 26.29 12.57 -27.94
N PRO D 172 25.92 12.78 -29.24
CA PRO D 172 26.40 13.96 -30.01
C PRO D 172 26.19 15.32 -29.29
N MET D 173 25.25 15.34 -28.34
CA MET D 173 24.93 16.55 -27.55
C MET D 173 25.98 16.92 -26.47
N ARG D 174 26.85 15.97 -26.12
CA ARG D 174 27.79 16.11 -24.97
C ARG D 174 28.80 17.24 -25.15
N GLU D 175 28.83 17.84 -26.33
CA GLU D 175 29.71 18.94 -26.59
C GLU D 175 28.94 20.27 -26.67
N GLU D 176 27.65 20.23 -26.30
CA GLU D 176 26.79 21.42 -26.24
C GLU D 176 26.78 21.95 -24.82
N LYS D 177 26.71 23.28 -24.69
CA LYS D 177 26.82 23.95 -23.37
C LYS D 177 25.62 23.69 -22.46
N ASN D 178 24.44 23.45 -23.04
CA ASN D 178 23.22 23.19 -22.27
C ASN D 178 22.88 21.70 -22.10
N PHE D 179 23.89 20.84 -22.18
CA PHE D 179 23.74 19.38 -22.01
C PHE D 179 24.67 18.90 -20.89
N LEU D 180 24.11 18.31 -19.82
CA LEU D 180 24.98 17.69 -18.84
C LEU D 180 24.91 16.16 -18.88
N LEU D 181 26.05 15.52 -19.02
CA LEU D 181 26.06 14.06 -19.01
C LEU D 181 26.44 13.49 -17.64
N LEU D 182 25.48 12.81 -16.99
CA LEU D 182 25.75 12.19 -15.69
C LEU D 182 25.69 10.70 -15.81
N SER D 183 26.40 10.01 -14.92
CA SER D 183 26.17 8.58 -14.72
C SER D 183 25.65 8.26 -13.31
N TYR D 184 24.61 7.44 -13.25
CA TYR D 184 24.11 6.91 -11.98
C TYR D 184 25.28 6.53 -11.07
N GLU D 185 26.20 5.76 -11.64
CA GLU D 185 27.32 5.29 -10.90
C GLU D 185 28.10 6.41 -10.17
N GLU D 186 28.30 7.55 -10.85
CA GLU D 186 29.09 8.65 -10.28
C GLU D 186 28.24 9.37 -9.27
N LEU D 187 26.94 9.27 -9.48
CA LEU D 187 25.94 9.89 -8.59
C LEU D 187 25.78 9.10 -7.28
N LYS D 188 25.86 7.76 -7.39
CA LYS D 188 25.80 6.89 -6.21
C LYS D 188 27.09 7.04 -5.44
N GLN D 189 28.20 7.11 -6.17
CA GLN D 189 29.56 6.97 -5.65
C GLN D 189 30.08 8.22 -4.93
N ASP D 190 29.82 9.40 -5.49
CA ASP D 190 29.93 10.67 -4.72
C ASP D 190 28.79 11.61 -5.04
N THR D 191 27.70 11.48 -4.28
CA THR D 191 26.50 12.26 -4.49
C THR D 191 26.70 13.78 -4.37
N GLY D 192 27.44 14.21 -3.34
CA GLY D 192 27.69 15.64 -3.12
C GLY D 192 28.54 16.29 -4.22
N ARG D 193 29.66 15.67 -4.58
CA ARG D 193 30.45 16.17 -5.71
C ARG D 193 29.61 16.22 -7.00
N THR D 194 28.64 15.30 -7.13
CA THR D 194 27.78 15.26 -8.33
C THR D 194 26.73 16.36 -8.27
N ILE D 195 26.12 16.56 -7.09
CA ILE D 195 25.15 17.64 -6.91
C ILE D 195 25.85 18.95 -7.17
N GLU D 196 27.11 19.06 -6.72
CA GLU D 196 27.92 20.22 -7.00
C GLU D 196 28.02 20.45 -8.51
N LYS D 197 28.25 19.38 -9.25
CA LYS D 197 28.39 19.46 -10.71
C LYS D 197 27.10 19.90 -11.42
N ILE D 198 25.93 19.55 -10.85
CA ILE D 198 24.61 20.01 -11.35
C ILE D 198 24.35 21.51 -11.08
N CYS D 199 24.62 21.98 -9.86
CA CYS D 199 24.63 23.45 -9.53
C CYS D 199 25.48 24.28 -10.52
N GLN D 200 26.69 23.82 -10.81
CA GLN D 200 27.61 24.60 -11.61
C GLN D 200 27.01 24.71 -13.01
N PHE D 201 26.40 23.62 -13.46
CA PHE D 201 25.82 23.54 -14.79
C PHE D 201 24.55 24.37 -14.86
N LEU D 202 23.77 24.36 -13.79
CA LEU D 202 22.51 25.10 -13.71
C LEU D 202 22.71 26.56 -13.30
N GLY D 203 23.98 26.95 -13.07
CA GLY D 203 24.33 28.31 -12.64
C GLY D 203 23.78 28.69 -11.28
N LYS D 204 23.67 27.69 -10.40
CA LYS D 204 23.12 27.84 -9.04
C LYS D 204 24.21 27.60 -7.98
N THR D 205 24.07 28.23 -6.80
CA THR D 205 24.99 28.00 -5.68
C THR D 205 24.22 27.54 -4.46
N LEU D 206 24.82 26.62 -3.71
CA LEU D 206 24.25 26.16 -2.45
C LEU D 206 25.17 26.53 -1.31
N GLU D 207 24.58 26.81 -0.15
CA GLU D 207 25.38 26.89 1.07
C GLU D 207 25.60 25.48 1.63
N PRO D 208 26.70 25.29 2.38
CA PRO D 208 27.04 23.97 2.94
C PRO D 208 25.87 23.21 3.64
N GLU D 209 25.07 23.91 4.45
CA GLU D 209 23.94 23.23 5.18
C GLU D 209 22.79 22.82 4.27
N GLU D 210 22.66 23.49 3.12
CA GLU D 210 21.62 23.19 2.13
C GLU D 210 21.95 21.90 1.38
N LEU D 211 23.18 21.80 0.91
CA LEU D 211 23.69 20.56 0.30
C LEU D 211 23.42 19.33 1.22
N ASN D 212 23.69 19.51 2.52
CA ASN D 212 23.58 18.42 3.46
C ASN D 212 22.10 18.02 3.65
N LEU D 213 21.22 19.00 3.63
CA LEU D 213 19.78 18.76 3.63
C LEU D 213 19.35 17.94 2.41
N ILE D 214 19.89 18.28 1.24
CA ILE D 214 19.55 17.62 -0.02
C ILE D 214 20.05 16.19 0.00
N LEU D 215 21.31 16.01 0.37
CA LEU D 215 21.83 14.69 0.67
C LEU D 215 20.95 13.94 1.64
N LYS D 216 20.48 14.60 2.70
CA LYS D 216 19.63 13.91 3.70
C LYS D 216 18.29 13.48 3.12
N ASN D 217 17.71 14.33 2.31
CA ASN D 217 16.30 14.19 1.94
C ASN D 217 16.06 13.51 0.58
N SER D 218 17.14 13.31 -0.17
CA SER D 218 17.07 12.56 -1.39
C SER D 218 17.66 11.15 -1.22
N SER D 219 17.97 10.78 0.03
CA SER D 219 18.47 9.43 0.32
C SER D 219 17.45 8.35 -0.12
N PHE D 220 17.96 7.15 -0.49
CA PHE D 220 17.15 6.00 -0.87
C PHE D 220 16.06 5.72 0.19
N GLN D 221 16.45 5.81 1.46
CA GLN D 221 15.53 5.66 2.57
C GLN D 221 14.49 6.79 2.74
N SER D 222 14.92 8.06 2.66
CA SER D 222 13.97 9.19 2.69
C SER D 222 12.94 8.99 1.60
N MET D 223 13.42 8.61 0.41
CA MET D 223 12.55 8.43 -0.77
C MET D 223 11.62 7.22 -0.62
N LYS D 224 12.17 6.09 -0.14
CA LYS D 224 11.38 4.85 0.11
C LYS D 224 10.27 5.15 1.08
N GLU D 225 10.53 6.11 1.96
CA GLU D 225 9.55 6.50 2.96
C GLU D 225 8.63 7.65 2.58
N ASN D 226 8.93 8.31 1.47
CA ASN D 226 8.07 9.39 1.01
C ASN D 226 6.91 8.87 0.14
N LYS D 227 5.69 8.98 0.64
CA LYS D 227 4.52 8.48 -0.08
C LYS D 227 4.34 9.13 -1.47
N MET D 228 4.82 10.37 -1.61
CA MET D 228 4.83 11.10 -2.88
C MET D 228 5.88 10.56 -3.86
N SER D 229 7.01 10.12 -3.33
CA SER D 229 8.14 9.74 -4.14
C SER D 229 8.26 8.23 -4.43
N ASN D 230 7.54 7.39 -3.66
CA ASN D 230 7.80 5.94 -3.73
C ASN D 230 6.87 5.12 -4.61
N TYR D 231 5.96 5.83 -5.31
CA TYR D 231 4.97 5.23 -6.25
C TYR D 231 3.81 4.47 -5.57
N SER D 232 3.67 4.66 -4.26
CA SER D 232 2.59 4.04 -3.48
C SER D 232 1.23 4.71 -3.73
N LEU D 233 1.26 5.90 -4.36
CA LEU D 233 0.04 6.65 -4.69
C LEU D 233 -0.61 6.20 -6.00
N LEU D 234 0.11 5.41 -6.81
CA LEU D 234 -0.38 5.05 -8.16
C LEU D 234 -1.64 4.19 -8.02
N SER D 235 -2.69 4.58 -8.74
CA SER D 235 -4.03 3.96 -8.62
C SER D 235 -3.98 2.42 -8.75
N VAL D 236 -4.93 1.74 -8.09
CA VAL D 236 -5.11 0.30 -8.30
C VAL D 236 -5.44 -0.02 -9.78
N ASP D 237 -5.75 1.05 -10.54
CA ASP D 237 -5.98 0.94 -11.99
C ASP D 237 -4.67 0.88 -12.83
N TYR D 238 -3.53 0.77 -12.15
CA TYR D 238 -2.21 0.79 -12.80
C TYR D 238 -1.31 -0.39 -12.39
N VAL D 239 -1.44 -0.84 -11.14
CA VAL D 239 -0.50 -1.81 -10.54
C VAL D 239 -1.18 -3.00 -9.80
N VAL D 240 -0.63 -4.20 -9.99
CA VAL D 240 -0.76 -5.29 -9.01
C VAL D 240 0.12 -4.97 -7.76
N ASP D 241 -0.35 -5.41 -6.60
CA ASP D 241 0.32 -5.11 -5.31
C ASP D 241 0.66 -3.59 -5.19
N LYS D 242 1.96 -3.30 -5.02
CA LYS D 242 2.46 -1.91 -4.83
C LYS D 242 3.76 -1.64 -5.64
N ALA D 243 4.16 -0.37 -5.67
CA ALA D 243 5.53 0.07 -6.12
C ALA D 243 5.98 -0.59 -7.41
N GLN D 244 7.13 -1.30 -7.44
CA GLN D 244 8.22 -1.26 -6.43
C GLN D 244 9.43 -0.47 -6.99
N LEU D 245 9.36 0.85 -6.91
CA LEU D 245 10.36 1.69 -7.54
C LEU D 245 11.70 1.64 -6.81
N LEU D 246 11.62 1.58 -5.48
CA LEU D 246 12.82 1.67 -4.66
C LEU D 246 13.26 0.28 -4.23
N ARG D 247 13.98 -0.37 -5.11
CA ARG D 247 14.28 -1.80 -4.95
C ARG D 247 15.58 -2.08 -4.14
N LYS D 248 16.71 -1.64 -4.64
CA LYS D 248 17.98 -1.97 -4.00
C LYS D 248 18.87 -0.73 -3.98
N GLY D 249 18.80 0.04 -5.04
CA GLY D 249 19.35 1.39 -5.05
C GLY D 249 20.84 1.44 -5.00
N VAL D 250 21.48 0.46 -5.63
CA VAL D 250 22.94 0.38 -5.69
C VAL D 250 23.44 0.15 -7.14
N SER D 251 24.75 0.28 -7.37
CA SER D 251 25.28 -0.19 -8.62
C SER D 251 25.91 -1.59 -8.49
N GLY D 252 25.89 -2.30 -9.60
CA GLY D 252 26.60 -3.54 -9.69
C GLY D 252 25.77 -4.71 -9.29
N ASP D 253 24.47 -4.50 -9.13
CA ASP D 253 23.56 -5.63 -8.83
C ASP D 253 23.42 -6.68 -9.95
N TRP D 254 23.65 -6.25 -11.19
CA TRP D 254 23.62 -7.16 -12.31
C TRP D 254 24.42 -8.46 -12.04
N LYS D 255 25.59 -8.34 -11.40
CA LYS D 255 26.42 -9.53 -11.11
C LYS D 255 25.63 -10.67 -10.37
N ASN D 256 24.57 -10.28 -9.66
CA ASN D 256 23.75 -11.20 -8.90
C ASN D 256 22.74 -11.99 -9.76
N HIS D 257 22.62 -11.61 -11.03
CA HIS D 257 21.52 -12.09 -11.85
C HIS D 257 21.93 -12.66 -13.19
N PHE D 258 22.96 -12.05 -13.81
CA PHE D 258 23.54 -12.56 -15.04
C PHE D 258 24.27 -13.87 -14.72
N THR D 259 24.10 -14.89 -15.57
CA THR D 259 25.04 -16.02 -15.53
C THR D 259 26.34 -15.55 -16.15
N VAL D 260 27.41 -16.31 -15.96
CA VAL D 260 28.69 -15.97 -16.58
C VAL D 260 28.54 -16.01 -18.12
N ALA D 261 27.71 -16.95 -18.59
CA ALA D 261 27.38 -17.08 -20.01
C ALA D 261 26.75 -15.79 -20.52
N GLN D 262 25.75 -15.30 -19.78
CA GLN D 262 25.04 -14.08 -20.13
C GLN D 262 25.99 -12.92 -20.14
N ALA D 263 26.80 -12.80 -19.09
CA ALA D 263 27.76 -11.72 -18.99
C ALA D 263 28.70 -11.69 -20.19
N GLU D 264 29.19 -12.88 -20.58
CA GLU D 264 30.08 -12.99 -21.71
C GLU D 264 29.38 -12.53 -22.99
N ASP D 265 28.11 -12.93 -23.17
CA ASP D 265 27.28 -12.49 -24.33
C ASP D 265 26.98 -10.97 -24.42
N PHE D 266 26.76 -10.32 -23.27
CA PHE D 266 26.45 -8.88 -23.22
C PHE D 266 27.72 -8.09 -23.39
N ASP D 267 28.83 -8.59 -22.86
CA ASP D 267 30.12 -7.91 -23.04
C ASP D 267 30.38 -7.72 -24.53
N LYS D 268 30.29 -8.84 -25.25
CA LYS D 268 30.47 -8.93 -26.68
C LYS D 268 29.47 -8.06 -27.46
N LEU D 269 28.23 -7.95 -26.99
CA LEU D 269 27.21 -7.15 -27.69
C LEU D 269 27.45 -5.67 -27.47
N PHE D 270 27.78 -5.32 -26.24
CA PHE D 270 28.05 -3.94 -25.87
C PHE D 270 29.33 -3.49 -26.54
N GLN D 271 30.29 -4.40 -26.61
CA GLN D 271 31.57 -4.08 -27.23
C GLN D 271 31.36 -3.77 -28.71
N GLU D 272 30.42 -4.46 -29.34
CA GLU D 272 30.19 -4.35 -30.78
C GLU D 272 29.33 -3.14 -31.11
N LYS D 273 28.25 -2.94 -30.34
CA LYS D 273 27.36 -1.78 -30.55
C LYS D 273 27.97 -0.41 -30.17
N MET D 274 28.95 -0.38 -29.28
CA MET D 274 29.45 0.89 -28.71
C MET D 274 30.85 1.24 -29.22
N ALA D 275 31.31 0.46 -30.20
CA ALA D 275 32.61 0.63 -30.82
C ALA D 275 32.84 2.07 -31.28
N ASP D 276 31.83 2.69 -31.87
CA ASP D 276 31.99 4.03 -32.44
C ASP D 276 32.02 5.15 -31.41
N LEU D 277 31.90 4.78 -30.13
CA LEU D 277 31.91 5.77 -29.06
C LEU D 277 33.15 5.62 -28.16
N PRO D 278 33.65 6.74 -27.60
CA PRO D 278 34.81 6.67 -26.71
C PRO D 278 34.51 5.84 -25.46
N ARG D 279 35.25 4.74 -25.26
CA ARG D 279 34.98 3.83 -24.12
C ARG D 279 35.17 4.52 -22.77
N GLU D 280 35.55 5.79 -22.80
CA GLU D 280 35.76 6.59 -21.58
C GLU D 280 34.48 7.24 -21.10
N LEU D 281 33.46 7.25 -21.97
CA LEU D 281 32.11 7.70 -21.58
C LEU D 281 31.45 6.83 -20.51
N PHE D 282 31.85 5.55 -20.42
CA PHE D 282 31.07 4.54 -19.71
C PHE D 282 31.73 4.04 -18.43
N PRO D 283 31.46 4.71 -17.29
CA PRO D 283 32.16 4.44 -16.02
C PRO D 283 32.48 2.96 -15.68
N TRP D 284 31.58 2.04 -16.04
CA TRP D 284 31.76 0.62 -15.72
C TRP D 284 32.95 0.03 -16.54
N GLU D 285 33.50 -1.11 -16.14
CA GLU D 285 32.93 -1.97 -15.14
C GLU D 285 33.82 -1.96 -13.89
#